data_1OVY
#
_entry.id   1OVY
#
_entity_poly.entity_id   1
_entity_poly.type   'polypeptide(L)'
_entity_poly.pdbx_seq_one_letter_code
;MITKVDRNAVRKKRHARIRKKIFGTTERPRLSVFRSNKHIYAQIIDDTKSATIVSASTLDKEFGLDSTNNIEAAKKVGEL
VAKRALEKGIKQVVFDRGGYLYHGRVKALADAAREAGLEF
;
_entity_poly.pdbx_strand_id   A
#
# COMPACT_ATOMS: atom_id res chain seq x y z
N GLY A 24 12.52 -3.04 -4.32
CA GLY A 24 12.77 -2.91 -2.90
C GLY A 24 13.90 -3.79 -2.41
N THR A 25 15.07 -3.61 -3.01
CA THR A 25 16.25 -4.39 -2.64
C THR A 25 17.52 -3.55 -2.80
N THR A 26 17.35 -2.23 -2.89
CA THR A 26 18.46 -1.29 -3.05
C THR A 26 17.91 0.14 -3.06
N GLU A 27 16.79 0.30 -3.75
CA GLU A 27 16.12 1.59 -3.86
C GLU A 27 15.52 2.00 -2.52
N ARG A 28 14.69 1.12 -1.97
CA ARG A 28 14.03 1.37 -0.70
C ARG A 28 13.00 0.28 -0.41
N PRO A 29 13.43 -0.86 0.14
CA PRO A 29 12.53 -1.99 0.44
C PRO A 29 11.54 -1.64 1.56
N ARG A 30 10.27 -1.43 1.20
CA ARG A 30 9.24 -1.11 2.20
C ARG A 30 7.88 -0.85 1.55
N LEU A 31 6.83 -0.76 2.36
CA LEU A 31 5.51 -0.44 1.82
C LEU A 31 5.58 0.97 1.24
N SER A 32 5.13 1.13 0.01
CA SER A 32 5.15 2.42 -0.65
C SER A 32 3.76 2.98 -0.83
N VAL A 33 3.62 4.28 -0.61
CA VAL A 33 2.33 4.95 -0.75
C VAL A 33 2.51 6.31 -1.43
N PHE A 34 2.05 6.39 -2.67
CA PHE A 34 2.16 7.63 -3.45
C PHE A 34 0.85 7.96 -4.15
N ARG A 35 0.73 9.21 -4.59
CA ARG A 35 -0.47 9.66 -5.28
C ARG A 35 -0.26 9.57 -6.80
N SER A 36 -0.97 8.65 -7.43
CA SER A 36 -0.87 8.47 -8.87
C SER A 36 -1.74 9.47 -9.63
N ASN A 37 -1.17 10.64 -9.92
CA ASN A 37 -1.89 11.69 -10.66
C ASN A 37 -3.06 12.25 -9.84
N LYS A 38 -4.26 11.71 -10.04
CA LYS A 38 -5.44 12.18 -9.32
C LYS A 38 -5.96 11.15 -8.32
N HIS A 39 -5.26 10.02 -8.21
CA HIS A 39 -5.66 8.98 -7.29
C HIS A 39 -4.51 8.58 -6.39
N ILE A 40 -4.81 7.90 -5.30
CA ILE A 40 -3.78 7.46 -4.36
C ILE A 40 -3.38 6.01 -4.61
N TYR A 41 -2.18 5.81 -5.12
CA TYR A 41 -1.68 4.48 -5.41
C TYR A 41 -1.09 3.82 -4.19
N ALA A 42 -1.65 2.68 -3.84
CA ALA A 42 -1.14 1.90 -2.74
C ALA A 42 -0.22 0.84 -3.31
N GLN A 43 1.02 0.80 -2.85
CA GLN A 43 1.98 -0.17 -3.38
C GLN A 43 2.87 -0.73 -2.28
N ILE A 44 2.83 -2.04 -2.08
CA ILE A 44 3.66 -2.65 -1.05
C ILE A 44 4.83 -3.41 -1.66
N ILE A 45 6.05 -3.03 -1.26
CA ILE A 45 7.25 -3.71 -1.73
C ILE A 45 8.04 -4.18 -0.52
N ASP A 46 8.40 -5.47 -0.53
CA ASP A 46 9.11 -6.06 0.60
C ASP A 46 10.25 -5.23 1.08
N ASP A 47 10.62 -5.49 2.33
CA ASP A 47 11.68 -4.78 2.98
C ASP A 47 13.02 -5.54 2.88
N THR A 48 13.57 -5.98 4.01
CA THR A 48 14.84 -6.71 4.00
C THR A 48 14.62 -8.22 4.06
N LYS A 49 13.42 -8.64 4.46
CA LYS A 49 13.12 -10.06 4.58
C LYS A 49 12.28 -10.52 3.40
N SER A 50 11.11 -9.92 3.25
CA SER A 50 10.20 -10.27 2.16
C SER A 50 8.82 -9.66 2.40
N ALA A 51 7.97 -9.75 1.38
CA ALA A 51 6.61 -9.23 1.42
C ALA A 51 6.05 -9.21 0.01
N THR A 52 5.03 -8.40 -0.22
CA THR A 52 4.46 -8.31 -1.55
C THR A 52 5.21 -7.27 -2.35
N ILE A 53 5.21 -7.44 -3.66
CA ILE A 53 5.89 -6.52 -4.56
C ILE A 53 4.89 -5.96 -5.55
N VAL A 54 3.68 -5.75 -5.06
CA VAL A 54 2.59 -5.23 -5.88
C VAL A 54 1.48 -4.67 -5.01
N SER A 55 0.37 -4.28 -5.65
CA SER A 55 -0.77 -3.72 -4.94
C SER A 55 -1.86 -3.28 -5.93
N ALA A 56 -2.50 -2.13 -5.67
CA ALA A 56 -3.55 -1.64 -6.55
C ALA A 56 -3.81 -0.16 -6.38
N SER A 57 -4.33 0.42 -7.46
CA SER A 57 -4.68 1.83 -7.52
C SER A 57 -5.65 2.05 -8.65
N THR A 58 -5.90 3.30 -9.02
CA THR A 58 -6.82 3.61 -10.13
C THR A 58 -6.55 2.69 -11.32
N LEU A 59 -5.31 2.22 -11.43
CA LEU A 59 -4.90 1.34 -12.51
C LEU A 59 -5.22 -0.13 -12.19
N ASP A 60 -6.10 -0.35 -11.22
CA ASP A 60 -6.49 -1.71 -10.81
C ASP A 60 -7.68 -2.20 -11.62
N LYS A 61 -8.07 -3.44 -11.38
CA LYS A 61 -9.20 -4.06 -12.08
C LYS A 61 -10.54 -3.79 -11.39
N GLU A 62 -10.69 -4.33 -10.19
CA GLU A 62 -11.94 -4.18 -9.43
C GLU A 62 -12.45 -2.74 -9.46
N PHE A 63 -11.54 -1.79 -9.53
CA PHE A 63 -11.93 -0.38 -9.56
C PHE A 63 -12.60 -0.02 -10.87
N GLY A 64 -12.03 -0.49 -11.98
CA GLY A 64 -12.60 -0.23 -13.28
C GLY A 64 -12.18 1.11 -13.84
N LEU A 65 -13.15 1.92 -14.25
CA LEU A 65 -12.87 3.23 -14.83
C LEU A 65 -13.00 4.32 -13.77
N ASP A 66 -11.87 4.71 -13.18
CA ASP A 66 -11.84 5.76 -12.16
C ASP A 66 -12.59 5.32 -10.90
N SER A 67 -11.93 5.44 -9.75
CA SER A 67 -12.53 5.07 -8.47
C SER A 67 -11.52 5.19 -7.34
N THR A 68 -10.27 4.85 -7.63
CA THR A 68 -9.20 4.92 -6.64
C THR A 68 -9.06 6.33 -6.07
N ASN A 69 -9.59 7.33 -6.78
CA ASN A 69 -9.52 8.72 -6.31
C ASN A 69 -9.85 8.77 -4.83
N ASN A 70 -10.79 7.93 -4.44
CA ASN A 70 -11.18 7.81 -3.05
C ASN A 70 -10.57 6.54 -2.50
N ILE A 71 -9.82 6.67 -1.41
CA ILE A 71 -9.14 5.52 -0.83
C ILE A 71 -10.05 4.29 -0.69
N GLU A 72 -11.36 4.48 -0.68
CA GLU A 72 -12.30 3.36 -0.57
C GLU A 72 -11.91 2.23 -1.52
N ALA A 73 -11.66 2.58 -2.78
CA ALA A 73 -11.28 1.61 -3.80
C ALA A 73 -9.83 1.19 -3.64
N ALA A 74 -8.92 2.16 -3.67
CA ALA A 74 -7.50 1.86 -3.52
C ALA A 74 -7.28 1.01 -2.27
N LYS A 75 -8.16 1.21 -1.29
CA LYS A 75 -8.10 0.46 -0.05
C LYS A 75 -8.65 -0.94 -0.26
N LYS A 76 -9.60 -1.06 -1.19
CA LYS A 76 -10.20 -2.36 -1.48
C LYS A 76 -9.11 -3.37 -1.79
N VAL A 77 -8.37 -3.10 -2.85
CA VAL A 77 -7.27 -3.97 -3.25
C VAL A 77 -5.99 -3.60 -2.53
N GLY A 78 -5.71 -2.30 -2.41
CA GLY A 78 -4.52 -1.85 -1.71
C GLY A 78 -4.36 -2.57 -0.38
N GLU A 79 -5.50 -2.92 0.21
CA GLU A 79 -5.54 -3.65 1.47
C GLU A 79 -5.35 -5.13 1.20
N LEU A 80 -6.09 -5.65 0.21
CA LEU A 80 -5.98 -7.06 -0.16
C LEU A 80 -4.51 -7.43 -0.36
N VAL A 81 -3.82 -6.64 -1.18
CA VAL A 81 -2.41 -6.86 -1.43
C VAL A 81 -1.63 -6.68 -0.13
N ALA A 82 -2.07 -5.73 0.68
CA ALA A 82 -1.43 -5.46 1.96
C ALA A 82 -1.42 -6.72 2.82
N LYS A 83 -2.62 -7.26 3.07
CA LYS A 83 -2.74 -8.47 3.88
C LYS A 83 -1.76 -9.54 3.43
N ARG A 84 -1.81 -9.92 2.17
CA ARG A 84 -0.91 -10.92 1.64
C ARG A 84 0.55 -10.47 1.82
N ALA A 85 0.75 -9.18 2.00
CA ALA A 85 2.09 -8.62 2.17
C ALA A 85 2.63 -8.88 3.57
N LEU A 86 1.83 -8.57 4.60
CA LEU A 86 2.27 -8.78 5.97
C LEU A 86 2.59 -10.25 6.23
N GLU A 87 1.94 -11.13 5.48
CA GLU A 87 2.14 -12.57 5.65
C GLU A 87 3.33 -13.08 4.83
N LYS A 88 3.55 -12.49 3.65
CA LYS A 88 4.67 -12.91 2.81
C LYS A 88 5.96 -12.91 3.61
N GLY A 89 6.43 -11.71 3.94
CA GLY A 89 7.64 -11.59 4.73
C GLY A 89 7.47 -12.27 6.08
N ILE A 90 6.84 -11.54 6.98
CA ILE A 90 6.55 -12.00 8.33
C ILE A 90 5.46 -11.13 8.92
N LYS A 91 5.62 -9.82 8.70
CA LYS A 91 4.67 -8.83 9.18
C LYS A 91 4.43 -7.80 8.08
N GLN A 92 3.49 -6.88 8.31
CA GLN A 92 3.16 -5.86 7.34
C GLN A 92 4.36 -4.95 7.11
N VAL A 93 4.28 -4.07 6.12
CA VAL A 93 5.40 -3.20 5.82
C VAL A 93 5.09 -1.76 6.16
N VAL A 94 6.12 -0.92 6.14
CA VAL A 94 5.97 0.48 6.52
C VAL A 94 5.90 1.41 5.32
N PHE A 95 4.99 2.38 5.45
CA PHE A 95 4.76 3.38 4.43
C PHE A 95 6.08 4.03 4.01
N ASP A 96 6.16 4.42 2.75
CA ASP A 96 7.38 5.05 2.22
C ASP A 96 7.59 6.42 2.84
N ARG A 97 6.96 7.44 2.26
CA ARG A 97 7.11 8.81 2.75
C ARG A 97 5.78 9.55 2.75
N GLY A 98 4.98 9.34 1.70
CA GLY A 98 3.70 10.00 1.61
C GLY A 98 2.59 9.32 2.39
N GLY A 99 2.96 8.38 3.25
CA GLY A 99 1.98 7.68 4.05
C GLY A 99 1.76 8.31 5.42
N TYR A 100 2.82 8.94 5.93
CA TYR A 100 2.76 9.61 7.24
C TYR A 100 2.11 8.72 8.30
N LEU A 101 1.96 9.26 9.52
CA LEU A 101 1.35 8.53 10.63
C LEU A 101 -0.09 8.11 10.34
N TYR A 102 -0.66 8.70 9.29
CA TYR A 102 -2.04 8.41 8.85
C TYR A 102 -3.03 9.40 9.44
N HIS A 103 -3.79 10.02 8.56
CA HIS A 103 -4.77 11.01 8.93
C HIS A 103 -5.39 11.63 7.67
N GLY A 104 -4.57 11.76 6.63
CA GLY A 104 -5.05 12.34 5.37
C GLY A 104 -5.66 11.29 4.45
N ARG A 105 -5.30 11.35 3.17
CA ARG A 105 -5.83 10.42 2.17
C ARG A 105 -4.93 9.19 2.01
N VAL A 106 -3.68 9.42 1.64
CA VAL A 106 -2.71 8.34 1.42
C VAL A 106 -2.64 7.38 2.60
N LYS A 107 -3.05 7.88 3.76
CA LYS A 107 -3.02 7.10 4.96
C LYS A 107 -3.79 5.80 4.81
N ALA A 108 -4.93 5.82 4.13
CA ALA A 108 -5.72 4.60 3.94
C ALA A 108 -4.87 3.44 3.48
N LEU A 109 -4.03 3.68 2.47
CA LEU A 109 -3.16 2.64 1.94
C LEU A 109 -2.26 2.08 3.04
N ALA A 110 -1.41 2.94 3.57
CA ALA A 110 -0.50 2.54 4.65
C ALA A 110 -1.28 2.15 5.91
N ASP A 111 -2.53 2.60 5.98
CA ASP A 111 -3.42 2.33 7.10
C ASP A 111 -3.92 0.89 7.04
N ALA A 112 -4.43 0.50 5.87
CA ALA A 112 -4.92 -0.87 5.66
C ALA A 112 -3.88 -1.84 6.19
N ALA A 113 -2.62 -1.57 5.83
CA ALA A 113 -1.52 -2.39 6.30
C ALA A 113 -1.24 -2.06 7.76
N ARG A 114 -1.46 -0.80 8.13
CA ARG A 114 -1.23 -0.37 9.49
C ARG A 114 -2.11 -1.11 10.47
N GLU A 115 -3.41 -0.94 10.31
CA GLU A 115 -4.39 -1.57 11.17
C GLU A 115 -4.20 -3.08 11.17
N ALA A 116 -3.76 -3.61 10.02
CA ALA A 116 -3.52 -5.03 9.89
C ALA A 116 -2.33 -5.46 10.75
N GLY A 117 -1.44 -4.50 11.00
CA GLY A 117 -0.27 -4.77 11.82
C GLY A 117 1.02 -4.34 11.16
N LEU A 118 1.30 -3.04 11.25
CA LEU A 118 2.48 -2.44 10.64
C LEU A 118 3.77 -2.78 11.39
N GLU A 119 4.51 -3.76 10.88
CA GLU A 119 5.80 -4.12 11.48
C GLU A 119 6.82 -4.43 10.39
N PHE A 120 7.82 -3.57 10.21
CA PHE A 120 8.84 -3.80 9.19
C PHE A 120 9.77 -2.62 9.05
N GLY A 24 15.20 0.79 -0.06
CA GLY A 24 13.84 0.99 -0.55
C GLY A 24 13.77 1.84 -1.80
N THR A 25 14.26 3.08 -1.71
CA THR A 25 14.22 3.98 -2.85
C THR A 25 15.27 3.64 -3.89
N THR A 26 16.30 2.92 -3.46
CA THR A 26 17.37 2.51 -4.36
C THR A 26 18.26 1.45 -3.71
N GLU A 27 17.65 0.40 -3.16
CA GLU A 27 18.41 -0.66 -2.53
C GLU A 27 17.51 -1.84 -2.16
N ARG A 28 16.98 -1.83 -0.94
CA ARG A 28 16.10 -2.90 -0.46
C ARG A 28 14.65 -2.42 -0.51
N PRO A 29 13.87 -2.87 -1.50
CA PRO A 29 12.47 -2.46 -1.66
C PRO A 29 11.71 -2.39 -0.33
N ARG A 30 10.57 -1.69 -0.35
CA ARG A 30 9.76 -1.48 0.86
C ARG A 30 8.40 -0.88 0.50
N LEU A 31 7.50 -0.81 1.47
CA LEU A 31 6.19 -0.24 1.22
C LEU A 31 6.32 1.22 0.82
N SER A 32 5.63 1.59 -0.24
CA SER A 32 5.67 2.96 -0.73
C SER A 32 4.27 3.53 -0.86
N VAL A 33 4.03 4.63 -0.16
CA VAL A 33 2.74 5.30 -0.22
C VAL A 33 2.82 6.42 -1.24
N PHE A 34 2.18 6.21 -2.38
CA PHE A 34 2.21 7.20 -3.45
C PHE A 34 0.81 7.65 -3.86
N ARG A 35 0.75 8.76 -4.57
CA ARG A 35 -0.51 9.33 -5.03
C ARG A 35 -0.51 9.48 -6.54
N SER A 36 -1.33 8.68 -7.21
CA SER A 36 -1.44 8.71 -8.65
C SER A 36 -2.20 9.94 -9.12
N ASN A 37 -1.48 11.05 -9.26
CA ASN A 37 -2.08 12.30 -9.71
C ASN A 37 -3.21 12.75 -8.79
N LYS A 38 -4.42 12.30 -9.08
CA LYS A 38 -5.59 12.68 -8.28
C LYS A 38 -6.06 11.52 -7.39
N HIS A 39 -5.42 10.35 -7.52
CA HIS A 39 -5.80 9.19 -6.73
C HIS A 39 -4.64 8.76 -5.84
N ILE A 40 -4.93 7.92 -4.85
CA ILE A 40 -3.89 7.43 -3.94
C ILE A 40 -3.48 6.02 -4.29
N TYR A 41 -2.26 5.88 -4.80
CA TYR A 41 -1.73 4.59 -5.20
C TYR A 41 -1.01 3.88 -4.07
N ALA A 42 -1.48 2.68 -3.76
CA ALA A 42 -0.83 1.87 -2.75
C ALA A 42 0.20 0.98 -3.45
N GLN A 43 1.43 1.02 -2.99
CA GLN A 43 2.51 0.24 -3.61
C GLN A 43 3.38 -0.40 -2.54
N ILE A 44 3.07 -1.66 -2.17
CA ILE A 44 3.84 -2.35 -1.15
C ILE A 44 4.79 -3.37 -1.75
N ILE A 45 6.09 -3.06 -1.74
CA ILE A 45 7.07 -4.00 -2.26
C ILE A 45 7.85 -4.56 -1.08
N ASP A 46 8.16 -5.85 -1.14
CA ASP A 46 8.86 -6.51 -0.04
C ASP A 46 10.04 -5.70 0.47
N ASP A 47 10.55 -6.08 1.64
CA ASP A 47 11.67 -5.37 2.25
C ASP A 47 12.57 -6.31 3.05
N THR A 48 12.08 -6.79 4.17
CA THR A 48 12.85 -7.69 5.04
C THR A 48 12.53 -9.15 4.77
N LYS A 49 11.25 -9.53 4.85
CA LYS A 49 10.86 -10.91 4.63
C LYS A 49 9.94 -11.08 3.42
N SER A 50 10.47 -10.73 2.26
CA SER A 50 9.74 -10.85 0.99
C SER A 50 8.25 -10.51 1.13
N ALA A 51 7.92 -9.29 1.52
CA ALA A 51 6.52 -8.89 1.62
C ALA A 51 5.88 -8.98 0.24
N THR A 52 4.77 -8.28 0.03
CA THR A 52 4.13 -8.31 -1.27
C THR A 52 4.96 -7.51 -2.24
N ILE A 53 4.89 -7.86 -3.51
CA ILE A 53 5.70 -7.19 -4.52
C ILE A 53 4.93 -6.12 -5.27
N VAL A 54 3.79 -5.67 -4.74
CA VAL A 54 3.02 -4.63 -5.42
C VAL A 54 1.77 -4.22 -4.61
N SER A 55 0.75 -3.75 -5.31
CA SER A 55 -0.50 -3.30 -4.72
C SER A 55 -1.41 -2.79 -5.86
N ALA A 56 -2.10 -1.67 -5.70
CA ALA A 56 -2.96 -1.20 -6.78
C ALA A 56 -3.54 0.19 -6.53
N SER A 57 -4.09 0.76 -7.59
CA SER A 57 -4.70 2.07 -7.54
C SER A 57 -5.65 2.24 -8.72
N THR A 58 -6.09 3.47 -8.97
CA THR A 58 -7.01 3.75 -10.07
C THR A 58 -6.63 3.02 -11.35
N LEU A 59 -5.35 2.62 -11.50
CA LEU A 59 -4.90 1.91 -12.70
C LEU A 59 -5.96 0.92 -13.18
N ASP A 60 -6.75 0.39 -12.23
CA ASP A 60 -7.87 -0.50 -12.50
C ASP A 60 -7.52 -1.98 -12.45
N LYS A 61 -7.34 -2.51 -11.25
CA LYS A 61 -7.12 -3.93 -11.12
C LYS A 61 -8.48 -4.58 -10.97
N GLU A 62 -9.08 -4.35 -9.80
CA GLU A 62 -10.44 -4.77 -9.52
C GLU A 62 -11.37 -3.60 -9.83
N PHE A 63 -10.85 -2.41 -9.55
CA PHE A 63 -11.53 -1.14 -9.74
C PHE A 63 -12.22 -1.08 -11.10
N GLY A 64 -11.46 -1.21 -12.17
CA GLY A 64 -12.03 -1.20 -13.51
C GLY A 64 -11.81 0.10 -14.26
N LEU A 65 -12.57 1.13 -13.91
CA LEU A 65 -12.44 2.42 -14.59
C LEU A 65 -12.45 3.58 -13.59
N ASP A 66 -11.29 3.88 -13.03
CA ASP A 66 -11.16 4.98 -12.07
C ASP A 66 -12.03 4.74 -10.85
N SER A 67 -11.49 5.02 -9.67
CA SER A 67 -12.22 4.85 -8.42
C SER A 67 -11.30 5.04 -7.21
N THR A 68 -10.05 4.64 -7.37
CA THR A 68 -9.07 4.76 -6.29
C THR A 68 -9.04 6.17 -5.73
N ASN A 69 -9.49 7.15 -6.52
CA ASN A 69 -9.54 8.55 -6.07
C ASN A 69 -10.05 8.61 -4.64
N ASN A 70 -10.94 7.67 -4.32
CA ASN A 70 -11.52 7.56 -2.99
C ASN A 70 -10.96 6.31 -2.31
N ILE A 71 -10.64 6.42 -1.02
CA ILE A 71 -10.09 5.30 -0.28
C ILE A 71 -10.82 3.99 -0.59
N GLU A 72 -12.10 4.09 -0.94
CA GLU A 72 -12.92 2.91 -1.23
C GLU A 72 -12.19 1.94 -2.17
N ALA A 73 -11.86 2.39 -3.38
CA ALA A 73 -11.19 1.54 -4.35
C ALA A 73 -9.84 1.04 -3.83
N ALA A 74 -8.94 1.96 -3.53
CA ALA A 74 -7.64 1.57 -3.00
C ALA A 74 -7.81 0.68 -1.78
N LYS A 75 -8.97 0.83 -1.11
CA LYS A 75 -9.26 0.02 0.06
C LYS A 75 -9.64 -1.39 -0.36
N LYS A 76 -10.06 -1.55 -1.62
CA LYS A 76 -10.41 -2.89 -2.11
C LYS A 76 -9.13 -3.67 -2.36
N VAL A 77 -8.31 -3.15 -3.28
CA VAL A 77 -7.05 -3.78 -3.65
C VAL A 77 -5.92 -3.38 -2.71
N GLY A 78 -5.74 -2.08 -2.52
CA GLY A 78 -4.68 -1.60 -1.63
C GLY A 78 -4.65 -2.37 -0.32
N GLU A 79 -5.84 -2.79 0.14
CA GLU A 79 -5.96 -3.56 1.36
C GLU A 79 -5.68 -5.03 1.07
N LEU A 80 -6.26 -5.52 -0.02
CA LEU A 80 -6.07 -6.91 -0.44
C LEU A 80 -4.58 -7.21 -0.52
N VAL A 81 -3.87 -6.41 -1.30
CA VAL A 81 -2.43 -6.56 -1.45
C VAL A 81 -1.77 -6.42 -0.09
N ALA A 82 -2.28 -5.48 0.71
CA ALA A 82 -1.76 -5.24 2.04
C ALA A 82 -1.87 -6.51 2.88
N LYS A 83 -3.01 -7.19 2.76
CA LYS A 83 -3.23 -8.43 3.49
C LYS A 83 -2.19 -9.45 3.07
N ARG A 84 -1.84 -9.43 1.78
CA ARG A 84 -0.83 -10.33 1.25
C ARG A 84 0.55 -9.87 1.67
N ALA A 85 0.75 -8.55 1.67
CA ALA A 85 2.02 -7.96 2.07
C ALA A 85 2.29 -8.27 3.53
N LEU A 86 1.28 -8.08 4.36
CA LEU A 86 1.41 -8.36 5.78
C LEU A 86 1.42 -9.86 6.02
N GLU A 87 0.84 -10.61 5.07
CA GLU A 87 0.81 -12.07 5.16
C GLU A 87 2.16 -12.66 4.81
N LYS A 88 2.60 -12.42 3.58
CA LYS A 88 3.88 -12.92 3.13
C LYS A 88 4.97 -12.54 4.13
N GLY A 89 5.14 -11.24 4.33
CA GLY A 89 6.12 -10.77 5.28
C GLY A 89 5.79 -11.25 6.68
N ILE A 90 6.80 -11.72 7.41
CA ILE A 90 6.60 -12.22 8.78
C ILE A 90 5.67 -11.27 9.55
N LYS A 91 5.73 -10.00 9.18
CA LYS A 91 4.92 -8.96 9.78
C LYS A 91 4.47 -8.00 8.70
N GLN A 92 3.67 -7.01 9.07
CA GLN A 92 3.22 -6.02 8.10
C GLN A 92 4.44 -5.32 7.55
N VAL A 93 4.24 -4.43 6.61
CA VAL A 93 5.37 -3.74 5.99
C VAL A 93 5.40 -2.30 6.49
N VAL A 94 6.49 -1.58 6.26
CA VAL A 94 6.58 -0.22 6.79
C VAL A 94 6.32 0.85 5.74
N PHE A 95 5.27 1.62 6.01
CA PHE A 95 4.83 2.68 5.13
C PHE A 95 5.96 3.63 4.75
N ASP A 96 6.52 3.38 3.57
CA ASP A 96 7.61 4.20 3.00
C ASP A 96 8.45 4.90 4.10
N ARG A 97 8.88 6.14 3.86
CA ARG A 97 9.63 6.86 4.87
C ARG A 97 8.68 7.77 5.65
N GLY A 98 7.39 7.45 5.61
CA GLY A 98 6.39 8.23 6.33
C GLY A 98 5.57 9.12 5.41
N GLY A 99 4.45 8.59 4.91
CA GLY A 99 3.59 9.37 4.03
C GLY A 99 3.27 10.74 4.62
N TYR A 100 2.53 10.76 5.73
CA TYR A 100 2.18 12.03 6.39
C TYR A 100 1.31 11.79 7.63
N LEU A 101 1.82 11.01 8.58
CA LEU A 101 1.07 10.69 9.80
C LEU A 101 -0.12 9.79 9.48
N TYR A 102 -1.05 10.31 8.65
CA TYR A 102 -2.27 9.62 8.19
C TYR A 102 -3.51 10.39 8.56
N HIS A 103 -4.66 9.84 8.13
CA HIS A 103 -6.01 10.43 8.35
C HIS A 103 -6.59 10.86 7.00
N GLY A 104 -5.71 11.12 6.04
CA GLY A 104 -6.16 11.53 4.72
C GLY A 104 -6.32 10.36 3.76
N ARG A 105 -5.78 10.50 2.55
CA ARG A 105 -5.87 9.46 1.52
C ARG A 105 -4.68 8.48 1.54
N VAL A 106 -3.46 9.00 1.37
CA VAL A 106 -2.27 8.14 1.31
C VAL A 106 -2.26 7.12 2.46
N LYS A 107 -2.87 7.51 3.58
CA LYS A 107 -2.94 6.65 4.73
C LYS A 107 -3.60 5.33 4.41
N ALA A 108 -4.77 5.36 3.79
CA ALA A 108 -5.48 4.13 3.44
C ALA A 108 -4.55 3.09 2.82
N LEU A 109 -3.61 3.54 2.00
CA LEU A 109 -2.68 2.64 1.34
C LEU A 109 -1.88 1.83 2.37
N ALA A 110 -1.08 2.53 3.16
CA ALA A 110 -0.28 1.85 4.19
C ALA A 110 -1.15 1.41 5.37
N ASP A 111 -2.22 2.16 5.59
CA ASP A 111 -3.19 1.92 6.64
C ASP A 111 -3.54 0.45 6.73
N ALA A 112 -3.83 -0.16 5.57
CA ALA A 112 -4.16 -1.58 5.54
C ALA A 112 -3.16 -2.37 6.38
N ALA A 113 -1.88 -2.15 6.08
CA ALA A 113 -0.80 -2.78 6.81
C ALA A 113 -0.60 -2.09 8.16
N ARG A 114 -0.97 -0.81 8.24
CA ARG A 114 -0.79 -0.05 9.47
C ARG A 114 -1.81 -0.44 10.54
N GLU A 115 -3.08 -0.22 10.23
CA GLU A 115 -4.15 -0.55 11.16
C GLU A 115 -4.03 -1.99 11.63
N ALA A 116 -3.76 -2.89 10.69
CA ALA A 116 -3.62 -4.31 11.03
C ALA A 116 -2.47 -4.52 12.00
N GLY A 117 -1.43 -3.73 11.86
CA GLY A 117 -0.28 -3.84 12.73
C GLY A 117 1.00 -3.57 11.98
N LEU A 118 1.34 -2.29 11.90
CA LEU A 118 2.53 -1.86 11.16
C LEU A 118 3.84 -2.22 11.86
N GLU A 119 4.48 -3.29 11.39
CA GLU A 119 5.77 -3.71 11.90
C GLU A 119 6.66 -4.14 10.74
N PHE A 120 7.71 -3.37 10.46
CA PHE A 120 8.63 -3.70 9.37
C PHE A 120 9.63 -2.57 9.12
N GLY A 24 12.66 -2.76 -4.30
CA GLY A 24 12.85 -2.88 -2.87
C GLY A 24 13.76 -4.03 -2.48
N THR A 25 14.76 -4.26 -3.31
CA THR A 25 15.73 -5.33 -3.09
C THR A 25 17.13 -4.83 -3.44
N THR A 26 17.32 -3.53 -3.21
CA THR A 26 18.57 -2.84 -3.48
C THR A 26 18.31 -1.35 -3.46
N GLU A 27 17.10 -0.97 -3.89
CA GLU A 27 16.67 0.42 -3.91
C GLU A 27 16.26 0.86 -2.51
N ARG A 28 15.07 0.44 -2.11
CA ARG A 28 14.53 0.76 -0.79
C ARG A 28 13.40 -0.22 -0.46
N PRO A 29 13.74 -1.40 0.09
CA PRO A 29 12.76 -2.43 0.41
C PRO A 29 11.76 -1.99 1.48
N ARG A 30 10.51 -1.72 1.07
CA ARG A 30 9.47 -1.33 2.02
C ARG A 30 8.15 -1.02 1.33
N LEU A 31 7.06 -0.94 2.09
CA LEU A 31 5.78 -0.58 1.51
C LEU A 31 5.84 0.87 1.07
N SER A 32 5.32 1.16 -0.11
CA SER A 32 5.34 2.52 -0.63
C SER A 32 3.93 3.06 -0.83
N VAL A 33 3.60 4.09 -0.06
CA VAL A 33 2.30 4.72 -0.16
C VAL A 33 2.42 6.09 -0.81
N PHE A 34 1.97 6.20 -2.05
CA PHE A 34 2.04 7.47 -2.76
C PHE A 34 0.70 7.80 -3.39
N ARG A 35 0.53 9.06 -3.76
CA ARG A 35 -0.69 9.49 -4.39
C ARG A 35 -0.49 9.65 -5.88
N SER A 36 -1.11 8.75 -6.64
CA SER A 36 -1.01 8.80 -8.08
C SER A 36 -1.85 9.96 -8.61
N ASN A 37 -1.76 10.20 -9.90
CA ASN A 37 -2.51 11.29 -10.51
C ASN A 37 -4.01 11.15 -10.25
N LYS A 38 -4.49 11.86 -9.21
CA LYS A 38 -5.92 11.89 -8.83
C LYS A 38 -6.34 10.84 -7.80
N HIS A 39 -5.39 10.20 -7.12
CA HIS A 39 -5.76 9.20 -6.12
C HIS A 39 -4.57 8.66 -5.35
N ILE A 40 -4.85 7.92 -4.29
CA ILE A 40 -3.80 7.32 -3.47
C ILE A 40 -3.44 5.93 -3.97
N TYR A 41 -2.29 5.81 -4.62
CA TYR A 41 -1.85 4.52 -5.12
C TYR A 41 -1.16 3.71 -4.05
N ALA A 42 -1.62 2.48 -3.90
CA ALA A 42 -1.02 1.58 -2.93
C ALA A 42 0.03 0.72 -3.62
N GLN A 43 1.21 0.61 -3.02
CA GLN A 43 2.28 -0.16 -3.60
C GLN A 43 3.21 -0.73 -2.54
N ILE A 44 3.05 -2.01 -2.18
CA ILE A 44 3.92 -2.60 -1.16
C ILE A 44 5.05 -3.39 -1.78
N ILE A 45 6.28 -2.88 -1.62
CA ILE A 45 7.44 -3.59 -2.14
C ILE A 45 8.19 -4.18 -0.95
N ASP A 46 8.59 -5.44 -1.09
CA ASP A 46 9.22 -6.16 0.00
C ASP A 46 10.29 -5.37 0.72
N ASP A 47 10.53 -5.77 1.98
CA ASP A 47 11.52 -5.14 2.82
C ASP A 47 12.76 -6.04 2.96
N THR A 48 12.93 -6.70 4.11
CA THR A 48 14.08 -7.57 4.32
C THR A 48 13.72 -9.04 4.11
N LYS A 49 12.45 -9.38 4.30
CA LYS A 49 11.99 -10.76 4.13
C LYS A 49 11.07 -10.92 2.93
N SER A 50 11.47 -10.31 1.82
CA SER A 50 10.72 -10.40 0.57
C SER A 50 9.21 -10.26 0.76
N ALA A 51 8.78 -9.15 1.39
CA ALA A 51 7.35 -8.91 1.59
C ALA A 51 6.64 -8.84 0.24
N THR A 52 5.48 -8.19 0.20
CA THR A 52 4.75 -8.07 -1.04
C THR A 52 5.53 -7.22 -2.03
N ILE A 53 5.42 -7.58 -3.30
CA ILE A 53 6.12 -6.86 -4.35
C ILE A 53 5.14 -6.35 -5.40
N VAL A 54 3.96 -5.97 -4.94
CA VAL A 54 2.92 -5.47 -5.85
C VAL A 54 1.81 -4.77 -5.07
N SER A 55 0.76 -4.38 -5.80
CA SER A 55 -0.39 -3.69 -5.22
C SER A 55 -1.30 -3.17 -6.32
N ALA A 56 -1.98 -2.05 -6.06
CA ALA A 56 -2.87 -1.46 -7.03
C ALA A 56 -3.54 -0.20 -6.48
N SER A 57 -4.25 0.48 -7.36
CA SER A 57 -4.97 1.68 -7.01
C SER A 57 -6.27 1.71 -7.75
N THR A 58 -7.04 2.73 -7.49
CA THR A 58 -8.34 2.89 -8.12
C THR A 58 -8.29 2.70 -9.64
N LEU A 59 -7.10 2.78 -10.24
CA LEU A 59 -6.98 2.59 -11.69
C LEU A 59 -6.70 1.12 -12.01
N ASP A 60 -6.73 0.26 -11.00
CA ASP A 60 -6.49 -1.17 -11.17
C ASP A 60 -7.45 -1.76 -12.22
N LYS A 61 -7.58 -3.08 -12.20
CA LYS A 61 -8.46 -3.78 -13.14
C LYS A 61 -9.88 -3.89 -12.57
N GLU A 62 -9.98 -4.56 -11.42
CA GLU A 62 -11.27 -4.77 -10.77
C GLU A 62 -12.09 -3.49 -10.70
N PHE A 63 -11.42 -2.34 -10.74
CA PHE A 63 -12.12 -1.06 -10.66
C PHE A 63 -12.66 -0.64 -12.02
N GLY A 64 -11.78 -0.45 -13.00
CA GLY A 64 -12.19 -0.05 -14.33
C GLY A 64 -13.31 0.98 -14.34
N LEU A 65 -13.23 1.96 -13.43
CA LEU A 65 -14.26 3.00 -13.34
C LEU A 65 -13.79 4.17 -12.50
N ASP A 66 -13.11 3.87 -11.39
CA ASP A 66 -12.59 4.90 -10.48
C ASP A 66 -12.06 6.12 -11.23
N SER A 67 -11.30 5.85 -12.28
CA SER A 67 -10.67 6.90 -13.08
C SER A 67 -9.44 7.44 -12.38
N THR A 68 -8.91 6.63 -11.49
CA THR A 68 -7.75 6.99 -10.70
C THR A 68 -8.17 7.96 -9.59
N ASN A 69 -9.25 7.60 -8.89
CA ASN A 69 -9.79 8.43 -7.79
C ASN A 69 -10.60 7.62 -6.81
N ASN A 70 -11.08 8.30 -5.77
CA ASN A 70 -11.88 7.67 -4.73
C ASN A 70 -11.02 6.65 -4.01
N ILE A 71 -10.36 7.09 -2.94
CA ILE A 71 -9.48 6.22 -2.21
C ILE A 71 -10.16 4.90 -1.84
N GLU A 72 -11.48 4.94 -1.68
CA GLU A 72 -12.25 3.74 -1.36
C GLU A 72 -11.86 2.60 -2.30
N ALA A 73 -11.58 2.97 -3.54
CA ALA A 73 -11.17 2.01 -4.55
C ALA A 73 -9.76 1.54 -4.27
N ALA A 74 -8.84 2.49 -4.16
CA ALA A 74 -7.45 2.15 -3.87
C ALA A 74 -7.37 1.29 -2.61
N LYS A 75 -8.36 1.47 -1.74
CA LYS A 75 -8.43 0.69 -0.51
C LYS A 75 -8.74 -0.76 -0.85
N LYS A 76 -9.64 -0.97 -1.80
CA LYS A 76 -10.01 -2.31 -2.21
C LYS A 76 -8.77 -3.12 -2.57
N VAL A 77 -7.91 -2.53 -3.40
CA VAL A 77 -6.69 -3.20 -3.84
C VAL A 77 -5.56 -3.00 -2.83
N GLY A 78 -5.28 -1.75 -2.47
CA GLY A 78 -4.22 -1.49 -1.52
C GLY A 78 -4.37 -2.32 -0.26
N GLU A 79 -5.62 -2.66 0.07
CA GLU A 79 -5.91 -3.48 1.24
C GLU A 79 -5.70 -4.95 0.90
N LEU A 80 -6.21 -5.36 -0.26
CA LEU A 80 -6.04 -6.73 -0.72
C LEU A 80 -4.55 -7.07 -0.77
N VAL A 81 -3.80 -6.25 -1.52
CA VAL A 81 -2.36 -6.42 -1.61
C VAL A 81 -1.75 -6.33 -0.23
N ALA A 82 -2.38 -5.53 0.64
CA ALA A 82 -1.93 -5.36 2.01
C ALA A 82 -2.18 -6.65 2.79
N LYS A 83 -3.18 -7.40 2.34
CA LYS A 83 -3.52 -8.67 2.98
C LYS A 83 -2.39 -9.66 2.78
N ARG A 84 -1.83 -9.67 1.57
CA ARG A 84 -0.72 -10.55 1.26
C ARG A 84 0.55 -10.02 1.92
N ALA A 85 0.75 -8.71 1.84
CA ALA A 85 1.91 -8.08 2.45
C ALA A 85 1.88 -8.20 3.95
N LEU A 86 0.69 -8.05 4.53
CA LEU A 86 0.54 -8.17 5.97
C LEU A 86 0.67 -9.63 6.40
N GLU A 87 0.46 -10.54 5.46
CA GLU A 87 0.56 -11.97 5.73
C GLU A 87 2.01 -12.45 5.63
N LYS A 88 2.74 -11.95 4.63
CA LYS A 88 4.12 -12.33 4.45
C LYS A 88 5.01 -11.41 5.28
N GLY A 89 6.26 -11.30 4.90
CA GLY A 89 7.20 -10.45 5.62
C GLY A 89 7.09 -10.59 7.13
N ILE A 90 6.63 -11.74 7.57
CA ILE A 90 6.45 -12.02 8.99
C ILE A 90 5.32 -11.17 9.55
N LYS A 91 5.53 -9.86 9.53
CA LYS A 91 4.57 -8.88 10.00
C LYS A 91 4.25 -7.91 8.86
N GLN A 92 3.37 -6.96 9.09
CA GLN A 92 3.04 -6.00 8.04
C GLN A 92 4.30 -5.22 7.73
N VAL A 93 4.29 -4.42 6.68
CA VAL A 93 5.47 -3.65 6.33
C VAL A 93 5.22 -2.17 6.57
N VAL A 94 6.28 -1.38 6.64
CA VAL A 94 6.12 0.04 6.92
C VAL A 94 6.24 0.88 5.66
N PHE A 95 5.26 1.76 5.50
CA PHE A 95 5.18 2.64 4.34
C PHE A 95 6.44 3.47 4.18
N ASP A 96 6.66 3.91 2.95
CA ASP A 96 7.83 4.71 2.61
C ASP A 96 7.57 6.18 2.89
N ARG A 97 8.65 6.97 2.99
CA ARG A 97 8.53 8.39 3.25
C ARG A 97 7.54 9.04 2.28
N GLY A 98 6.32 9.27 2.75
CA GLY A 98 5.30 9.87 1.91
C GLY A 98 3.90 9.69 2.46
N GLY A 99 3.70 8.64 3.25
CA GLY A 99 2.39 8.36 3.82
C GLY A 99 2.01 9.35 4.92
N TYR A 100 2.92 10.25 5.27
CA TYR A 100 2.66 11.26 6.30
C TYR A 100 1.94 10.67 7.51
N LEU A 101 2.23 9.41 7.84
CA LEU A 101 1.59 8.75 8.98
C LEU A 101 0.07 8.64 8.79
N TYR A 102 -0.41 8.99 7.61
CA TYR A 102 -1.83 8.91 7.29
C TYR A 102 -2.58 10.08 7.90
N HIS A 103 -3.89 9.89 8.11
CA HIS A 103 -4.73 10.93 8.68
C HIS A 103 -5.07 11.98 7.62
N GLY A 104 -4.70 11.69 6.38
CA GLY A 104 -4.99 12.58 5.28
C GLY A 104 -5.64 11.81 4.15
N ARG A 105 -4.94 11.68 3.03
CA ARG A 105 -5.45 10.94 1.88
C ARG A 105 -4.94 9.50 1.85
N VAL A 106 -3.63 9.33 2.07
CA VAL A 106 -2.95 8.03 2.03
C VAL A 106 -3.45 7.02 3.09
N LYS A 107 -4.09 7.49 4.13
CA LYS A 107 -4.52 6.62 5.21
C LYS A 107 -5.03 5.24 4.79
N ALA A 108 -6.10 5.14 4.03
CA ALA A 108 -6.65 3.83 3.68
C ALA A 108 -5.60 2.77 3.32
N LEU A 109 -4.82 3.02 2.29
CA LEU A 109 -3.82 2.06 1.86
C LEU A 109 -2.82 1.77 2.98
N ALA A 110 -2.09 2.81 3.39
CA ALA A 110 -1.11 2.67 4.45
C ALA A 110 -1.77 2.20 5.75
N ASP A 111 -3.11 2.34 5.83
CA ASP A 111 -3.86 1.91 7.00
C ASP A 111 -3.98 0.40 7.03
N ALA A 112 -4.35 -0.17 5.88
CA ALA A 112 -4.49 -1.61 5.77
C ALA A 112 -3.29 -2.33 6.37
N ALA A 113 -2.10 -1.97 5.88
CA ALA A 113 -0.86 -2.57 6.37
C ALA A 113 -0.52 -2.09 7.79
N ARG A 114 -0.88 -0.86 8.12
CA ARG A 114 -0.57 -0.33 9.44
C ARG A 114 -1.53 -0.83 10.49
N GLU A 115 -2.80 -0.49 10.33
CA GLU A 115 -3.84 -0.93 11.27
C GLU A 115 -3.67 -2.39 11.61
N ALA A 116 -3.34 -3.17 10.58
CA ALA A 116 -3.11 -4.60 10.76
C ALA A 116 -1.95 -4.84 11.72
N GLY A 117 -0.86 -4.10 11.51
CA GLY A 117 0.30 -4.25 12.36
C GLY A 117 1.59 -3.95 11.63
N LEU A 118 1.87 -2.66 11.45
CA LEU A 118 3.06 -2.23 10.71
C LEU A 118 4.36 -2.54 11.46
N GLU A 119 4.99 -3.66 11.09
CA GLU A 119 6.26 -4.05 11.68
C GLU A 119 7.18 -4.63 10.60
N PHE A 120 8.23 -3.92 10.22
CA PHE A 120 9.14 -4.42 9.20
C PHE A 120 10.29 -3.46 8.96
N GLY A 24 14.48 1.48 -2.34
CA GLY A 24 13.13 1.34 -2.90
C GLY A 24 13.18 0.91 -4.34
N THR A 25 14.24 1.31 -5.03
CA THR A 25 14.43 0.96 -6.43
C THR A 25 15.92 0.79 -6.74
N THR A 26 16.71 0.57 -5.69
CA THR A 26 18.15 0.39 -5.85
C THR A 26 18.79 -0.18 -4.57
N GLU A 27 18.55 0.50 -3.45
CA GLU A 27 19.12 0.06 -2.17
C GLU A 27 18.33 -1.12 -1.62
N ARG A 28 17.01 -1.07 -1.73
CA ARG A 28 16.16 -2.15 -1.23
C ARG A 28 14.67 -1.80 -1.33
N PRO A 29 13.84 -2.77 -1.75
CA PRO A 29 12.38 -2.57 -1.88
C PRO A 29 11.74 -2.09 -0.56
N ARG A 30 10.55 -1.47 -0.65
CA ARG A 30 9.86 -0.93 0.52
C ARG A 30 8.49 -0.36 0.15
N LEU A 31 7.66 -0.04 1.13
CA LEU A 31 6.35 0.52 0.83
C LEU A 31 6.52 1.82 0.06
N SER A 32 5.70 2.02 -0.97
CA SER A 32 5.74 3.23 -1.76
C SER A 32 4.37 3.91 -1.77
N VAL A 33 4.27 5.06 -1.11
CA VAL A 33 3.02 5.80 -1.06
C VAL A 33 3.06 7.01 -1.98
N PHE A 34 2.34 6.93 -3.10
CA PHE A 34 2.32 8.04 -4.05
C PHE A 34 0.93 8.30 -4.61
N ARG A 35 0.74 9.51 -5.10
CA ARG A 35 -0.54 9.90 -5.70
C ARG A 35 -0.43 9.88 -7.21
N SER A 36 -1.09 8.93 -7.84
CA SER A 36 -1.04 8.80 -9.29
C SER A 36 -1.89 9.87 -9.97
N ASN A 37 -1.27 11.01 -10.21
CA ASN A 37 -1.94 12.12 -10.87
C ASN A 37 -3.16 12.60 -10.07
N LYS A 38 -4.28 11.88 -10.22
CA LYS A 38 -5.50 12.24 -9.51
C LYS A 38 -6.02 11.10 -8.64
N HIS A 39 -5.32 9.97 -8.65
CA HIS A 39 -5.73 8.81 -7.86
C HIS A 39 -4.64 8.41 -6.88
N ILE A 40 -5.04 8.10 -5.65
CA ILE A 40 -4.08 7.71 -4.61
C ILE A 40 -3.58 6.28 -4.83
N TYR A 41 -2.34 6.15 -5.29
CA TYR A 41 -1.77 4.83 -5.53
C TYR A 41 -1.09 4.28 -4.29
N ALA A 42 -1.59 3.16 -3.81
CA ALA A 42 -1.00 2.49 -2.67
C ALA A 42 -0.12 1.39 -3.22
N GLN A 43 1.13 1.31 -2.79
CA GLN A 43 2.04 0.28 -3.30
C GLN A 43 2.92 -0.28 -2.19
N ILE A 44 2.85 -1.59 -2.00
CA ILE A 44 3.64 -2.24 -0.97
C ILE A 44 4.71 -3.13 -1.59
N ILE A 45 5.95 -2.65 -1.63
CA ILE A 45 7.04 -3.46 -2.14
C ILE A 45 7.94 -3.81 -0.95
N ASP A 46 8.23 -5.10 -0.79
CA ASP A 46 8.96 -5.62 0.37
C ASP A 46 10.12 -4.77 0.86
N ASP A 47 9.92 -4.27 2.09
CA ASP A 47 10.89 -3.44 2.77
C ASP A 47 12.24 -4.15 2.93
N THR A 48 12.76 -4.26 4.15
CA THR A 48 14.05 -4.90 4.39
C THR A 48 13.92 -6.35 4.83
N LYS A 49 12.70 -6.82 5.07
CA LYS A 49 12.49 -8.19 5.51
C LYS A 49 11.57 -8.95 4.58
N SER A 50 11.67 -8.64 3.29
CA SER A 50 10.86 -9.30 2.27
C SER A 50 9.39 -8.96 2.42
N ALA A 51 8.60 -9.42 1.44
CA ALA A 51 7.15 -9.18 1.37
C ALA A 51 6.72 -9.20 -0.09
N THR A 52 5.49 -8.82 -0.35
CA THR A 52 4.99 -8.81 -1.71
C THR A 52 5.30 -7.49 -2.39
N ILE A 53 5.39 -7.54 -3.70
CA ILE A 53 5.65 -6.38 -4.51
C ILE A 53 4.41 -6.09 -5.34
N VAL A 54 3.32 -5.77 -4.65
CA VAL A 54 2.05 -5.51 -5.30
C VAL A 54 1.21 -4.49 -4.56
N SER A 55 0.02 -4.21 -5.15
CA SER A 55 -0.95 -3.25 -4.59
C SER A 55 -1.97 -2.87 -5.67
N ALA A 56 -2.43 -1.60 -5.66
CA ALA A 56 -3.39 -1.15 -6.65
C ALA A 56 -3.79 0.31 -6.49
N SER A 57 -4.43 0.79 -7.56
CA SER A 57 -4.95 2.14 -7.64
C SER A 57 -6.00 2.18 -8.75
N THR A 58 -6.41 3.37 -9.16
CA THR A 58 -7.42 3.52 -10.20
C THR A 58 -7.20 2.54 -11.37
N LEU A 59 -5.95 2.14 -11.61
CA LEU A 59 -5.63 1.23 -12.70
C LEU A 59 -6.10 -0.20 -12.42
N ASP A 60 -6.28 -0.53 -11.14
CA ASP A 60 -6.72 -1.86 -10.74
C ASP A 60 -7.86 -2.37 -11.63
N LYS A 61 -8.16 -3.66 -11.51
CA LYS A 61 -9.21 -4.28 -12.30
C LYS A 61 -10.57 -4.12 -11.63
N GLU A 62 -10.68 -4.60 -10.39
CA GLU A 62 -11.91 -4.51 -9.64
C GLU A 62 -12.49 -3.10 -9.67
N PHE A 63 -11.61 -2.13 -9.86
CA PHE A 63 -12.00 -0.72 -9.91
C PHE A 63 -12.72 -0.42 -11.22
N GLY A 64 -12.17 -0.94 -12.30
CA GLY A 64 -12.74 -0.72 -13.61
C GLY A 64 -12.06 0.39 -14.37
N LEU A 65 -10.76 0.54 -14.15
CA LEU A 65 -9.97 1.56 -14.81
C LEU A 65 -10.39 2.96 -14.35
N ASP A 66 -11.14 3.03 -13.25
CA ASP A 66 -11.59 4.31 -12.72
C ASP A 66 -12.49 4.11 -11.50
N SER A 67 -11.87 4.07 -10.32
CA SER A 67 -12.62 3.90 -9.08
C SER A 67 -11.86 4.47 -7.89
N THR A 68 -10.55 4.21 -7.84
CA THR A 68 -9.70 4.71 -6.76
C THR A 68 -10.02 6.17 -6.45
N ASN A 69 -9.26 7.10 -7.05
CA ASN A 69 -9.46 8.54 -6.85
C ASN A 69 -9.93 8.85 -5.43
N ASN A 70 -9.44 8.06 -4.49
CA ASN A 70 -9.77 8.17 -3.08
C ASN A 70 -9.57 6.80 -2.40
N ILE A 71 -9.49 6.81 -1.08
CA ILE A 71 -9.29 5.59 -0.32
C ILE A 71 -10.33 4.52 -0.62
N GLU A 72 -11.50 4.93 -1.12
CA GLU A 72 -12.58 3.97 -1.41
C GLU A 72 -12.07 2.73 -2.15
N ALA A 73 -11.58 2.92 -3.37
CA ALA A 73 -11.08 1.80 -4.15
C ALA A 73 -9.66 1.44 -3.77
N ALA A 74 -8.82 2.46 -3.57
CA ALA A 74 -7.44 2.24 -3.18
C ALA A 74 -7.39 1.34 -1.95
N LYS A 75 -8.35 1.52 -1.06
CA LYS A 75 -8.42 0.71 0.15
C LYS A 75 -8.81 -0.71 -0.21
N LYS A 76 -9.76 -0.85 -1.13
CA LYS A 76 -10.21 -2.17 -1.56
C LYS A 76 -9.03 -3.10 -1.82
N VAL A 77 -8.21 -2.74 -2.81
CA VAL A 77 -7.05 -3.54 -3.14
C VAL A 77 -5.85 -3.16 -2.28
N GLY A 78 -5.65 -1.86 -2.06
CA GLY A 78 -4.55 -1.40 -1.25
C GLY A 78 -4.45 -2.20 0.04
N GLU A 79 -5.60 -2.54 0.60
CA GLU A 79 -5.67 -3.33 1.82
C GLU A 79 -5.49 -4.80 1.48
N LEU A 80 -6.10 -5.21 0.37
CA LEU A 80 -6.00 -6.60 -0.09
C LEU A 80 -4.53 -6.99 -0.20
N VAL A 81 -3.72 -6.08 -0.75
CA VAL A 81 -2.30 -6.31 -0.89
C VAL A 81 -1.62 -6.28 0.47
N ALA A 82 -2.11 -5.39 1.35
CA ALA A 82 -1.57 -5.26 2.69
C ALA A 82 -1.57 -6.62 3.39
N LYS A 83 -2.64 -7.38 3.19
CA LYS A 83 -2.75 -8.70 3.78
C LYS A 83 -1.69 -9.63 3.19
N ARG A 84 -1.70 -9.74 1.87
CA ARG A 84 -0.73 -10.57 1.18
C ARG A 84 0.68 -10.11 1.52
N ALA A 85 0.82 -8.81 1.76
CA ALA A 85 2.10 -8.22 2.09
C ALA A 85 2.54 -8.57 3.51
N LEU A 86 1.65 -8.31 4.48
CA LEU A 86 1.97 -8.59 5.88
C LEU A 86 2.30 -10.07 6.09
N GLU A 87 1.94 -10.92 5.14
CA GLU A 87 2.23 -12.36 5.25
C GLU A 87 3.64 -12.69 4.78
N LYS A 88 3.93 -12.42 3.52
CA LYS A 88 5.25 -12.69 2.95
C LYS A 88 6.36 -12.06 3.79
N GLY A 89 6.26 -10.76 4.00
CA GLY A 89 7.27 -10.05 4.77
C GLY A 89 7.46 -10.63 6.16
N ILE A 90 6.47 -11.41 6.61
CA ILE A 90 6.47 -12.03 7.95
C ILE A 90 5.72 -11.14 8.93
N LYS A 91 5.67 -9.85 8.63
CA LYS A 91 4.98 -8.89 9.46
C LYS A 91 4.34 -7.84 8.57
N GLN A 92 3.47 -7.03 9.14
CA GLN A 92 2.79 -5.97 8.40
C GLN A 92 3.76 -4.91 7.96
N VAL A 93 3.62 -4.42 6.73
CA VAL A 93 4.47 -3.34 6.28
C VAL A 93 3.74 -2.47 5.30
N VAL A 94 3.51 -1.26 5.71
CA VAL A 94 2.93 -0.32 4.82
C VAL A 94 3.19 1.11 5.23
N PHE A 95 4.34 1.63 4.86
CA PHE A 95 4.63 3.02 5.10
C PHE A 95 5.97 3.41 4.50
N ASP A 96 5.91 3.92 3.28
CA ASP A 96 7.10 4.34 2.56
C ASP A 96 7.96 5.25 3.42
N ARG A 97 9.18 5.52 2.96
CA ARG A 97 10.11 6.40 3.68
C ARG A 97 9.39 7.62 4.23
N GLY A 98 8.30 8.02 3.56
CA GLY A 98 7.55 9.17 4.01
C GLY A 98 6.41 8.77 4.92
N GLY A 99 5.19 9.00 4.47
CA GLY A 99 4.02 8.65 5.25
C GLY A 99 4.00 9.30 6.62
N TYR A 100 2.79 9.48 7.13
CA TYR A 100 2.57 10.07 8.44
C TYR A 100 2.05 9.00 9.40
N LEU A 101 1.34 9.36 10.47
CA LEU A 101 0.81 8.35 11.39
C LEU A 101 -0.30 7.52 10.72
N TYR A 102 -0.77 8.01 9.58
CA TYR A 102 -1.82 7.37 8.79
C TYR A 102 -3.19 7.87 9.18
N HIS A 103 -3.86 8.42 8.19
CA HIS A 103 -5.21 8.98 8.36
C HIS A 103 -5.53 9.94 7.22
N GLY A 104 -5.14 9.58 6.00
CA GLY A 104 -5.40 10.45 4.87
C GLY A 104 -5.66 9.70 3.58
N ARG A 105 -5.09 10.19 2.48
CA ARG A 105 -5.27 9.60 1.17
C ARG A 105 -4.21 8.55 0.85
N VAL A 106 -2.97 8.81 1.23
CA VAL A 106 -1.86 7.90 0.94
C VAL A 106 -1.74 6.77 1.98
N LYS A 107 -1.92 7.12 3.24
CA LYS A 107 -1.79 6.19 4.32
C LYS A 107 -2.89 5.15 4.36
N ALA A 108 -3.96 5.31 3.59
CA ALA A 108 -5.04 4.33 3.58
C ALA A 108 -4.50 2.91 3.57
N LEU A 109 -3.59 2.62 2.64
CA LEU A 109 -2.98 1.29 2.61
C LEU A 109 -2.08 1.16 3.83
N ALA A 110 -1.38 2.26 4.14
CA ALA A 110 -0.52 2.28 5.32
C ALA A 110 -1.35 1.92 6.55
N ASP A 111 -2.66 2.14 6.45
CA ASP A 111 -3.61 1.84 7.51
C ASP A 111 -4.03 0.38 7.45
N ALA A 112 -4.04 -0.19 6.25
CA ALA A 112 -4.44 -1.58 6.05
C ALA A 112 -3.56 -2.50 6.90
N ALA A 113 -2.26 -2.49 6.63
CA ALA A 113 -1.33 -3.31 7.40
C ALA A 113 -1.12 -2.72 8.79
N ARG A 114 -1.31 -1.41 8.91
CA ARG A 114 -1.13 -0.77 10.20
C ARG A 114 -2.23 -1.18 11.17
N GLU A 115 -3.47 -1.02 10.74
CA GLU A 115 -4.61 -1.40 11.58
C GLU A 115 -4.44 -2.85 12.04
N ALA A 116 -3.96 -3.68 11.13
CA ALA A 116 -3.74 -5.10 11.43
C ALA A 116 -2.53 -5.27 12.34
N GLY A 117 -1.68 -4.25 12.40
CA GLY A 117 -0.50 -4.30 13.23
C GLY A 117 0.76 -4.10 12.41
N LEU A 118 1.05 -2.85 12.07
CA LEU A 118 2.21 -2.53 11.23
C LEU A 118 3.53 -2.75 11.95
N GLU A 119 4.27 -3.74 11.44
CA GLU A 119 5.60 -4.04 11.94
C GLU A 119 6.53 -4.32 10.77
N PHE A 120 7.46 -3.42 10.51
CA PHE A 120 8.40 -3.59 9.40
C PHE A 120 9.32 -2.37 9.27
N GLY A 24 12.08 -2.07 -4.14
CA GLY A 24 11.48 -3.34 -3.80
C GLY A 24 12.49 -4.48 -3.68
N THR A 25 13.64 -4.33 -4.33
CA THR A 25 14.65 -5.38 -4.26
C THR A 25 16.08 -4.84 -4.17
N THR A 26 16.23 -3.54 -4.06
CA THR A 26 17.56 -2.95 -3.96
C THR A 26 17.52 -1.47 -3.58
N GLU A 27 16.63 -0.72 -4.21
CA GLU A 27 16.52 0.72 -3.94
C GLU A 27 16.02 0.96 -2.53
N ARG A 28 14.73 0.75 -2.31
CA ARG A 28 14.15 0.95 -1.00
C ARG A 28 12.92 0.08 -0.77
N PRO A 29 13.13 -1.25 -0.64
CA PRO A 29 12.04 -2.20 -0.41
C PRO A 29 11.17 -1.82 0.79
N ARG A 30 9.89 -1.45 0.52
CA ARG A 30 8.97 -1.03 1.59
C ARG A 30 7.58 -0.71 1.04
N LEU A 31 6.61 -0.54 1.92
CA LEU A 31 5.27 -0.16 1.48
C LEU A 31 5.36 1.22 0.84
N SER A 32 4.94 1.33 -0.41
CA SER A 32 5.02 2.59 -1.12
C SER A 32 3.67 3.29 -1.14
N VAL A 33 3.60 4.44 -0.49
CA VAL A 33 2.37 5.22 -0.45
C VAL A 33 2.57 6.56 -1.16
N PHE A 34 2.01 6.67 -2.35
CA PHE A 34 2.12 7.90 -3.13
C PHE A 34 0.79 8.25 -3.78
N ARG A 35 0.62 9.52 -4.12
CA ARG A 35 -0.61 9.98 -4.75
C ARG A 35 -0.40 10.18 -6.25
N SER A 36 -1.07 9.35 -7.05
CA SER A 36 -0.96 9.43 -8.50
C SER A 36 -1.72 10.64 -9.03
N ASN A 37 -1.06 11.79 -9.00
CA ASN A 37 -1.66 13.04 -9.48
C ASN A 37 -2.97 13.34 -8.76
N LYS A 38 -4.07 12.81 -9.28
CA LYS A 38 -5.38 13.02 -8.68
C LYS A 38 -5.91 11.75 -8.01
N HIS A 39 -5.28 10.62 -8.33
CA HIS A 39 -5.69 9.34 -7.76
C HIS A 39 -4.64 8.84 -6.80
N ILE A 40 -5.03 8.58 -5.56
CA ILE A 40 -4.09 8.10 -4.55
C ILE A 40 -3.66 6.66 -4.83
N TYR A 41 -2.37 6.48 -5.09
CA TYR A 41 -1.82 5.16 -5.39
C TYR A 41 -1.33 4.42 -4.18
N ALA A 42 -1.81 3.19 -4.04
CA ALA A 42 -1.37 2.31 -2.98
C ALA A 42 -0.46 1.27 -3.61
N GLN A 43 0.63 0.92 -2.94
CA GLN A 43 1.56 -0.06 -3.50
C GLN A 43 2.49 -0.62 -2.44
N ILE A 44 2.21 -1.81 -1.93
CA ILE A 44 3.06 -2.43 -0.91
C ILE A 44 4.15 -3.28 -1.55
N ILE A 45 5.36 -2.74 -1.60
CA ILE A 45 6.49 -3.47 -2.16
C ILE A 45 7.35 -3.97 -1.01
N ASP A 46 7.77 -5.22 -1.10
CA ASP A 46 8.52 -5.86 -0.03
C ASP A 46 9.63 -5.01 0.54
N ASP A 47 10.00 -5.35 1.77
CA ASP A 47 11.04 -4.66 2.50
C ASP A 47 12.09 -5.64 3.02
N THR A 48 11.73 -6.39 4.05
CA THR A 48 12.64 -7.35 4.67
C THR A 48 12.42 -8.78 4.17
N LYS A 49 11.19 -9.28 4.28
CA LYS A 49 10.89 -10.65 3.88
C LYS A 49 10.14 -10.75 2.56
N SER A 50 10.64 -10.05 1.56
CA SER A 50 10.07 -10.07 0.22
C SER A 50 8.54 -9.96 0.20
N ALA A 51 7.94 -9.28 1.17
CA ALA A 51 6.49 -9.13 1.17
C ALA A 51 6.08 -8.14 0.09
N THR A 52 6.26 -8.55 -1.16
CA THR A 52 5.94 -7.71 -2.29
C THR A 52 4.69 -8.20 -3.00
N ILE A 53 3.53 -7.67 -2.61
CA ILE A 53 2.27 -8.05 -3.24
C ILE A 53 1.65 -6.87 -3.98
N VAL A 54 2.46 -5.83 -4.22
CA VAL A 54 2.00 -4.65 -4.93
C VAL A 54 0.69 -4.14 -4.32
N SER A 55 -0.18 -3.55 -5.13
CA SER A 55 -1.45 -3.03 -4.63
C SER A 55 -2.32 -2.55 -5.79
N ALA A 56 -2.84 -1.32 -5.70
CA ALA A 56 -3.69 -0.80 -6.76
C ALA A 56 -4.00 0.68 -6.65
N SER A 57 -4.35 1.24 -7.81
CA SER A 57 -4.72 2.63 -7.96
C SER A 57 -5.54 2.75 -9.25
N THR A 58 -5.91 3.98 -9.62
CA THR A 58 -6.67 4.20 -10.84
C THR A 58 -6.11 3.39 -12.01
N LEU A 59 -4.78 3.27 -12.05
CA LEU A 59 -4.10 2.52 -13.11
C LEU A 59 -4.47 1.04 -13.04
N ASP A 60 -4.77 0.56 -11.84
CA ASP A 60 -5.12 -0.83 -11.62
C ASP A 60 -6.08 -1.36 -12.68
N LYS A 61 -6.12 -2.68 -12.77
CA LYS A 61 -6.99 -3.37 -13.72
C LYS A 61 -8.38 -3.60 -13.13
N GLU A 62 -8.41 -4.15 -11.91
CA GLU A 62 -9.66 -4.43 -11.22
C GLU A 62 -10.53 -3.18 -11.16
N PHE A 63 -9.90 -2.02 -11.05
CA PHE A 63 -10.61 -0.75 -11.00
C PHE A 63 -11.21 -0.40 -12.34
N GLY A 64 -10.37 -0.40 -13.37
CA GLY A 64 -10.84 -0.08 -14.70
C GLY A 64 -9.99 0.99 -15.37
N LEU A 65 -10.63 2.11 -15.69
CA LEU A 65 -9.92 3.21 -16.34
C LEU A 65 -9.66 4.33 -15.34
N ASP A 66 -10.66 4.64 -14.52
CA ASP A 66 -10.54 5.69 -13.52
C ASP A 66 -11.56 5.52 -12.41
N SER A 67 -11.28 4.62 -11.48
CA SER A 67 -12.18 4.37 -10.36
C SER A 67 -11.56 4.79 -9.03
N THR A 68 -10.24 4.66 -8.93
CA THR A 68 -9.55 5.04 -7.71
C THR A 68 -9.91 6.46 -7.30
N ASN A 69 -9.17 7.45 -7.83
CA ASN A 69 -9.41 8.86 -7.49
C ASN A 69 -9.71 9.01 -6.01
N ASN A 70 -9.06 8.15 -5.24
CA ASN A 70 -9.23 8.09 -3.78
C ASN A 70 -8.82 6.70 -3.31
N ILE A 71 -8.41 6.59 -2.06
CA ILE A 71 -7.96 5.31 -1.55
C ILE A 71 -9.05 4.25 -1.57
N GLU A 72 -10.31 4.67 -1.70
CA GLU A 72 -11.44 3.73 -1.71
C GLU A 72 -11.12 2.50 -2.57
N ALA A 73 -10.80 2.71 -3.83
CA ALA A 73 -10.46 1.62 -4.73
C ALA A 73 -9.16 0.95 -4.30
N ALA A 74 -8.16 1.76 -3.96
CA ALA A 74 -6.88 1.23 -3.52
C ALA A 74 -7.02 0.44 -2.23
N LYS A 75 -8.10 0.68 -1.50
CA LYS A 75 -8.34 -0.03 -0.26
C LYS A 75 -8.79 -1.44 -0.61
N LYS A 76 -9.57 -1.54 -1.68
CA LYS A 76 -10.03 -2.84 -2.16
C LYS A 76 -8.85 -3.77 -2.36
N VAL A 77 -7.93 -3.34 -3.22
CA VAL A 77 -6.74 -4.11 -3.51
C VAL A 77 -5.70 -3.99 -2.40
N GLY A 78 -5.46 -2.76 -1.96
CA GLY A 78 -4.50 -2.52 -0.90
C GLY A 78 -4.68 -3.48 0.27
N GLU A 79 -5.93 -3.68 0.67
CA GLU A 79 -6.24 -4.59 1.77
C GLU A 79 -5.94 -6.02 1.35
N LEU A 80 -6.39 -6.39 0.15
CA LEU A 80 -6.16 -7.74 -0.38
C LEU A 80 -4.66 -8.01 -0.45
N VAL A 81 -3.95 -7.19 -1.23
CA VAL A 81 -2.51 -7.33 -1.39
C VAL A 81 -1.83 -7.29 -0.03
N ALA A 82 -2.34 -6.40 0.81
CA ALA A 82 -1.80 -6.22 2.15
C ALA A 82 -1.82 -7.53 2.92
N LYS A 83 -3.00 -8.11 3.08
CA LYS A 83 -3.14 -9.38 3.80
C LYS A 83 -2.05 -10.36 3.38
N ARG A 84 -1.76 -10.37 2.08
CA ARG A 84 -0.71 -11.22 1.54
C ARG A 84 0.66 -10.62 1.83
N ALA A 85 0.74 -9.29 1.71
CA ALA A 85 1.98 -8.57 1.97
C ALA A 85 2.50 -8.88 3.37
N LEU A 86 1.71 -8.55 4.38
CA LEU A 86 2.11 -8.81 5.76
C LEU A 86 2.53 -10.28 5.90
N GLU A 87 1.61 -11.18 5.54
CA GLU A 87 1.86 -12.62 5.63
C GLU A 87 3.23 -13.04 5.09
N LYS A 88 3.80 -12.25 4.19
CA LYS A 88 5.10 -12.59 3.64
C LYS A 88 6.19 -12.21 4.63
N GLY A 89 6.46 -13.11 5.54
CA GLY A 89 7.44 -12.85 6.58
C GLY A 89 6.74 -12.32 7.80
N ILE A 90 7.38 -11.43 8.57
CA ILE A 90 6.67 -10.83 9.70
C ILE A 90 5.43 -10.19 9.14
N LYS A 91 4.41 -9.91 9.91
CA LYS A 91 3.22 -9.41 9.26
C LYS A 91 2.94 -7.93 9.41
N GLN A 92 3.30 -7.24 8.32
CA GLN A 92 3.03 -5.84 8.07
C GLN A 92 4.07 -5.30 7.10
N VAL A 93 3.81 -4.17 6.49
CA VAL A 93 4.79 -3.57 5.62
C VAL A 93 5.10 -2.16 6.12
N VAL A 94 6.25 -1.62 5.77
CA VAL A 94 6.62 -0.30 6.24
C VAL A 94 6.40 0.77 5.18
N PHE A 95 5.44 1.64 5.46
CA PHE A 95 5.07 2.72 4.56
C PHE A 95 6.28 3.50 4.10
N ASP A 96 6.15 4.15 2.96
CA ASP A 96 7.24 4.94 2.38
C ASP A 96 7.25 6.36 2.95
N ARG A 97 8.38 7.03 2.79
CA ARG A 97 8.53 8.39 3.28
C ARG A 97 7.43 9.29 2.72
N GLY A 98 6.92 8.93 1.55
CA GLY A 98 5.86 9.70 0.92
C GLY A 98 4.73 10.00 1.88
N GLY A 99 4.19 8.96 2.50
CA GLY A 99 3.10 9.14 3.44
C GLY A 99 3.47 10.10 4.56
N TYR A 100 2.62 10.18 5.58
CA TYR A 100 2.86 11.09 6.70
C TYR A 100 2.21 10.55 7.98
N LEU A 101 1.72 11.44 8.85
CA LEU A 101 1.06 11.01 10.09
C LEU A 101 -0.15 10.14 9.77
N TYR A 102 -0.72 10.37 8.57
CA TYR A 102 -1.89 9.64 8.06
C TYR A 102 -3.16 10.48 8.15
N HIS A 103 -4.34 9.84 8.18
CA HIS A 103 -5.62 10.54 8.22
C HIS A 103 -6.00 11.06 6.83
N GLY A 104 -6.42 10.14 5.95
CA GLY A 104 -6.81 10.54 4.60
C GLY A 104 -6.93 9.35 3.65
N ARG A 105 -6.52 9.55 2.40
CA ARG A 105 -6.59 8.51 1.37
C ARG A 105 -5.30 7.65 1.32
N VAL A 106 -4.15 8.30 1.13
CA VAL A 106 -2.87 7.57 1.05
C VAL A 106 -2.75 6.63 2.24
N LYS A 107 -2.73 7.26 3.39
CA LYS A 107 -2.60 6.58 4.66
C LYS A 107 -3.56 5.41 4.80
N ALA A 108 -4.64 5.38 4.04
CA ALA A 108 -5.57 4.27 4.18
C ALA A 108 -4.91 2.96 3.81
N LEU A 109 -4.00 2.99 2.83
CA LEU A 109 -3.29 1.78 2.43
C LEU A 109 -2.18 1.50 3.43
N ALA A 110 -1.53 2.55 3.89
CA ALA A 110 -0.48 2.41 4.89
C ALA A 110 -1.09 2.11 6.25
N ASP A 111 -2.33 2.56 6.43
CA ASP A 111 -3.11 2.35 7.65
C ASP A 111 -3.55 0.90 7.71
N ALA A 112 -3.85 0.35 6.54
CA ALA A 112 -4.25 -1.05 6.43
C ALA A 112 -3.19 -1.90 7.09
N ALA A 113 -1.95 -1.66 6.69
CA ALA A 113 -0.82 -2.37 7.26
C ALA A 113 -0.48 -1.78 8.63
N ARG A 114 -0.46 -0.45 8.70
CA ARG A 114 -0.14 0.22 9.94
C ARG A 114 -1.03 -0.27 11.07
N GLU A 115 -2.34 -0.09 10.89
CA GLU A 115 -3.32 -0.51 11.88
C GLU A 115 -3.09 -1.96 12.30
N ALA A 116 -2.96 -2.84 11.31
CA ALA A 116 -2.73 -4.25 11.58
C ALA A 116 -1.57 -4.43 12.55
N GLY A 117 -0.68 -3.46 12.56
CA GLY A 117 0.48 -3.53 13.42
C GLY A 117 1.73 -3.52 12.59
N LEU A 118 2.20 -2.32 12.29
CA LEU A 118 3.35 -2.17 11.41
C LEU A 118 4.65 -2.67 12.02
N GLU A 119 5.06 -3.84 11.53
CA GLU A 119 6.29 -4.49 11.89
C GLU A 119 6.91 -4.99 10.60
N PHE A 120 8.01 -4.39 10.16
CA PHE A 120 8.66 -4.79 8.93
C PHE A 120 9.91 -3.97 8.66
N GLY A 24 15.04 -3.66 -3.66
CA GLY A 24 14.31 -4.78 -3.08
C GLY A 24 15.19 -5.69 -2.26
N THR A 25 16.44 -5.28 -2.04
CA THR A 25 17.37 -6.11 -1.27
C THR A 25 18.28 -5.25 -0.40
N THR A 26 18.84 -4.22 -0.97
CA THR A 26 19.76 -3.35 -0.23
C THR A 26 19.81 -1.91 -0.76
N GLU A 27 18.95 -1.55 -1.70
CA GLU A 27 18.94 -0.18 -2.21
C GLU A 27 17.88 0.64 -1.50
N ARG A 28 16.62 0.28 -1.75
CA ARG A 28 15.49 0.95 -1.10
C ARG A 28 14.29 -0.01 -1.04
N PRO A 29 14.46 -1.17 -0.39
CA PRO A 29 13.40 -2.19 -0.26
C PRO A 29 12.42 -1.87 0.87
N ARG A 30 11.18 -1.50 0.51
CA ARG A 30 10.17 -1.16 1.53
C ARG A 30 8.83 -0.74 0.89
N LEU A 31 7.79 -0.63 1.71
CA LEU A 31 6.49 -0.17 1.18
C LEU A 31 6.69 1.21 0.59
N SER A 32 6.10 1.45 -0.57
CA SER A 32 6.22 2.74 -1.23
C SER A 32 4.91 3.52 -1.15
N VAL A 33 5.02 4.80 -0.83
CA VAL A 33 3.85 5.68 -0.73
C VAL A 33 3.83 6.68 -1.87
N PHE A 34 2.90 6.50 -2.80
CA PHE A 34 2.80 7.41 -3.94
C PHE A 34 1.37 7.83 -4.21
N ARG A 35 1.21 8.94 -4.92
CA ARG A 35 -0.11 9.45 -5.27
C ARG A 35 -0.25 9.55 -6.78
N SER A 36 -1.08 8.68 -7.36
CA SER A 36 -1.27 8.68 -8.80
C SER A 36 -2.21 9.81 -9.23
N ASN A 37 -1.88 10.42 -10.37
CA ASN A 37 -2.65 11.53 -10.92
C ASN A 37 -4.16 11.39 -10.70
N LYS A 38 -4.67 12.14 -9.73
CA LYS A 38 -6.11 12.15 -9.40
C LYS A 38 -6.51 11.01 -8.46
N HIS A 39 -5.66 9.99 -8.34
CA HIS A 39 -5.97 8.87 -7.45
C HIS A 39 -4.74 8.41 -6.67
N ILE A 40 -4.87 8.32 -5.35
CA ILE A 40 -3.76 7.88 -4.50
C ILE A 40 -3.39 6.44 -4.84
N TYR A 41 -2.11 6.15 -4.88
CA TYR A 41 -1.65 4.83 -5.21
C TYR A 41 -0.68 4.31 -4.18
N ALA A 42 -1.11 3.30 -3.46
CA ALA A 42 -0.25 2.67 -2.49
C ALA A 42 0.45 1.51 -3.17
N GLN A 43 1.77 1.51 -3.10
CA GLN A 43 2.54 0.46 -3.75
C GLN A 43 3.57 -0.10 -2.80
N ILE A 44 3.43 -1.36 -2.45
CA ILE A 44 4.35 -2.00 -1.52
C ILE A 44 5.45 -2.73 -2.27
N ILE A 45 6.69 -2.33 -2.01
CA ILE A 45 7.82 -3.00 -2.62
C ILE A 45 8.58 -3.68 -1.49
N ASP A 46 8.76 -4.99 -1.66
CA ASP A 46 9.38 -5.80 -0.62
C ASP A 46 10.63 -5.18 -0.04
N ASP A 47 10.85 -5.52 1.22
CA ASP A 47 11.99 -5.01 1.95
C ASP A 47 13.11 -6.07 2.04
N THR A 48 13.39 -6.57 3.25
CA THR A 48 14.43 -7.57 3.44
C THR A 48 13.87 -9.00 3.52
N LYS A 49 12.55 -9.13 3.58
CA LYS A 49 11.93 -10.45 3.70
C LYS A 49 11.15 -10.82 2.45
N SER A 50 11.50 -10.21 1.32
CA SER A 50 10.80 -10.48 0.07
C SER A 50 9.32 -10.14 0.19
N ALA A 51 8.72 -9.74 -0.93
CA ALA A 51 7.30 -9.38 -0.92
C ALA A 51 6.83 -8.93 -2.29
N THR A 52 5.62 -8.39 -2.32
CA THR A 52 5.03 -7.91 -3.56
C THR A 52 5.59 -6.55 -3.92
N ILE A 53 5.54 -6.23 -5.20
CA ILE A 53 6.06 -4.96 -5.69
C ILE A 53 4.89 -4.06 -6.11
N VAL A 54 3.78 -4.21 -5.39
CA VAL A 54 2.57 -3.44 -5.67
C VAL A 54 1.61 -3.48 -4.49
N SER A 55 0.43 -2.88 -4.65
CA SER A 55 -0.57 -2.87 -3.59
C SER A 55 -1.97 -2.67 -4.14
N ALA A 56 -2.33 -1.43 -4.41
CA ALA A 56 -3.65 -1.12 -4.94
C ALA A 56 -3.88 0.36 -5.20
N SER A 57 -4.39 0.63 -6.41
CA SER A 57 -4.71 1.98 -6.83
C SER A 57 -5.57 1.92 -8.08
N THR A 58 -5.75 3.07 -8.72
CA THR A 58 -6.50 3.15 -9.97
C THR A 58 -6.07 2.05 -10.94
N LEU A 59 -4.78 1.73 -10.92
CA LEU A 59 -4.24 0.70 -11.78
C LEU A 59 -4.87 -0.65 -11.49
N ASP A 60 -5.38 -0.81 -10.26
CA ASP A 60 -6.02 -2.04 -9.84
C ASP A 60 -7.13 -2.43 -10.82
N LYS A 61 -7.58 -3.67 -10.72
CA LYS A 61 -8.63 -4.18 -11.61
C LYS A 61 -10.03 -3.91 -11.05
N GLU A 62 -10.30 -4.47 -9.88
CA GLU A 62 -11.61 -4.34 -9.23
C GLU A 62 -12.13 -2.90 -9.27
N PHE A 63 -11.23 -1.93 -9.35
CA PHE A 63 -11.62 -0.52 -9.38
C PHE A 63 -12.22 -0.19 -10.74
N GLY A 64 -11.77 -0.90 -11.76
CA GLY A 64 -12.26 -0.72 -13.11
C GLY A 64 -12.11 0.70 -13.62
N LEU A 65 -13.11 1.16 -14.37
CA LEU A 65 -13.11 2.49 -14.97
C LEU A 65 -12.49 3.54 -14.03
N ASP A 66 -13.06 3.68 -12.84
CA ASP A 66 -12.56 4.66 -11.88
C ASP A 66 -12.50 4.06 -10.47
N SER A 67 -13.51 4.34 -9.63
CA SER A 67 -13.54 3.83 -8.26
C SER A 67 -12.42 4.44 -7.43
N THR A 68 -11.19 4.12 -7.81
CA THR A 68 -9.99 4.62 -7.16
C THR A 68 -10.16 6.07 -6.70
N ASN A 69 -9.81 7.05 -7.54
CA ASN A 69 -9.95 8.49 -7.20
C ASN A 69 -9.64 8.73 -5.73
N ASN A 70 -8.68 7.95 -5.26
CA ASN A 70 -8.20 7.96 -3.88
C ASN A 70 -8.01 6.52 -3.44
N ILE A 71 -7.13 6.32 -2.48
CA ILE A 71 -6.84 4.97 -1.98
C ILE A 71 -8.11 4.17 -1.64
N GLU A 72 -9.28 4.83 -1.53
CA GLU A 72 -10.52 4.12 -1.18
C GLU A 72 -10.61 2.78 -1.93
N ALA A 73 -10.56 2.82 -3.26
CA ALA A 73 -10.57 1.58 -4.02
C ALA A 73 -9.40 0.72 -3.56
N ALA A 74 -8.28 1.39 -3.28
CA ALA A 74 -7.10 0.71 -2.77
C ALA A 74 -7.48 0.02 -1.47
N LYS A 75 -8.43 0.60 -0.75
CA LYS A 75 -8.91 0.03 0.50
C LYS A 75 -9.60 -1.30 0.22
N LYS A 76 -10.09 -1.46 -1.01
CA LYS A 76 -10.76 -2.70 -1.37
C LYS A 76 -9.73 -3.82 -1.61
N VAL A 77 -8.91 -3.65 -2.63
CA VAL A 77 -7.88 -4.62 -2.96
C VAL A 77 -6.64 -4.39 -2.13
N GLY A 78 -6.15 -3.16 -2.14
CA GLY A 78 -4.97 -2.81 -1.37
C GLY A 78 -5.06 -3.36 0.04
N GLU A 79 -6.28 -3.43 0.58
CA GLU A 79 -6.51 -3.95 1.93
C GLU A 79 -6.26 -5.45 2.00
N LEU A 80 -7.03 -6.24 1.25
CA LEU A 80 -6.84 -7.69 1.28
C LEU A 80 -5.37 -8.01 1.02
N VAL A 81 -4.88 -7.51 -0.11
CA VAL A 81 -3.49 -7.69 -0.51
C VAL A 81 -2.56 -7.06 0.53
N ALA A 82 -3.07 -6.11 1.30
CA ALA A 82 -2.23 -5.45 2.30
C ALA A 82 -1.86 -6.40 3.43
N LYS A 83 -2.88 -6.90 4.12
CA LYS A 83 -2.68 -7.80 5.25
C LYS A 83 -1.64 -8.87 4.98
N ARG A 84 -1.84 -9.66 3.94
CA ARG A 84 -0.92 -10.75 3.64
C ARG A 84 0.30 -10.32 2.82
N ALA A 85 0.06 -9.59 1.75
CA ALA A 85 1.11 -9.15 0.84
C ALA A 85 1.98 -8.00 1.35
N LEU A 86 1.58 -7.28 2.42
CA LEU A 86 2.40 -6.15 2.90
C LEU A 86 3.87 -6.56 2.88
N GLU A 87 4.23 -7.48 3.75
CA GLU A 87 5.55 -8.03 3.72
C GLU A 87 5.53 -9.28 2.83
N LYS A 88 4.32 -9.87 2.73
CA LYS A 88 4.07 -11.06 1.96
C LYS A 88 4.31 -12.31 2.80
N GLY A 89 5.44 -12.32 3.49
CA GLY A 89 5.78 -13.44 4.34
C GLY A 89 4.68 -13.75 5.34
N ILE A 90 4.21 -12.72 6.05
CA ILE A 90 3.16 -12.90 7.05
C ILE A 90 2.87 -11.59 7.77
N LYS A 91 3.90 -10.79 7.94
CA LYS A 91 3.79 -9.50 8.60
C LYS A 91 3.39 -8.38 7.65
N GLN A 92 3.17 -7.20 8.20
CA GLN A 92 2.78 -6.02 7.45
C GLN A 92 4.01 -5.22 7.03
N VAL A 93 3.77 -4.09 6.33
CA VAL A 93 4.84 -3.22 5.87
C VAL A 93 4.86 -1.91 6.62
N VAL A 94 5.83 -1.06 6.30
CA VAL A 94 5.94 0.24 6.91
C VAL A 94 5.94 1.30 5.82
N PHE A 95 4.86 2.08 5.77
CA PHE A 95 4.72 3.10 4.74
C PHE A 95 5.95 4.00 4.67
N ASP A 96 6.44 4.14 3.43
CA ASP A 96 7.64 4.92 3.12
C ASP A 96 7.61 6.31 3.74
N ARG A 97 8.57 7.14 3.32
CA ARG A 97 8.68 8.52 3.79
C ARG A 97 7.32 9.18 3.88
N GLY A 98 6.55 9.08 2.80
CA GLY A 98 5.21 9.66 2.79
C GLY A 98 4.35 9.07 3.88
N GLY A 99 3.03 9.13 3.71
CA GLY A 99 2.15 8.59 4.71
C GLY A 99 2.47 9.14 6.09
N TYR A 100 1.71 8.74 7.10
CA TYR A 100 1.94 9.23 8.46
C TYR A 100 0.94 8.60 9.43
N LEU A 101 0.70 9.29 10.56
CA LEU A 101 -0.26 8.81 11.56
C LEU A 101 -1.55 8.39 10.87
N TYR A 102 -1.82 9.04 9.73
CA TYR A 102 -2.99 8.79 8.88
C TYR A 102 -4.08 9.82 9.07
N HIS A 103 -5.13 9.65 8.25
CA HIS A 103 -6.30 10.55 8.19
C HIS A 103 -6.21 11.39 6.90
N GLY A 104 -5.01 11.41 6.30
CA GLY A 104 -4.81 12.17 5.07
C GLY A 104 -5.37 11.45 3.85
N ARG A 105 -4.62 11.45 2.75
CA ARG A 105 -5.08 10.81 1.51
C ARG A 105 -4.64 9.35 1.37
N VAL A 106 -3.32 9.11 1.33
CA VAL A 106 -2.77 7.75 1.15
C VAL A 106 -2.90 6.89 2.41
N LYS A 107 -3.09 7.54 3.54
CA LYS A 107 -3.20 6.87 4.81
C LYS A 107 -4.06 5.60 4.75
N ALA A 108 -5.00 5.54 3.82
CA ALA A 108 -5.90 4.39 3.74
C ALA A 108 -5.18 3.06 3.55
N LEU A 109 -4.48 2.89 2.43
CA LEU A 109 -3.78 1.64 2.18
C LEU A 109 -2.74 1.40 3.27
N ALA A 110 -2.07 2.48 3.64
CA ALA A 110 -1.08 2.45 4.70
C ALA A 110 -1.76 2.12 6.03
N ASP A 111 -3.04 2.49 6.12
CA ASP A 111 -3.85 2.24 7.31
C ASP A 111 -4.26 0.78 7.32
N ALA A 112 -4.55 0.26 6.13
CA ALA A 112 -4.93 -1.12 5.96
C ALA A 112 -3.84 -2.02 6.51
N ALA A 113 -2.59 -1.69 6.15
CA ALA A 113 -1.44 -2.44 6.61
C ALA A 113 -1.17 -2.18 8.07
N ARG A 114 -1.27 -0.91 8.46
CA ARG A 114 -1.03 -0.53 9.83
C ARG A 114 -2.08 -1.10 10.77
N GLU A 115 -3.33 -0.73 10.52
CA GLU A 115 -4.44 -1.22 11.33
C GLU A 115 -4.38 -2.74 11.43
N ALA A 116 -3.87 -3.38 10.38
CA ALA A 116 -3.73 -4.82 10.36
C ALA A 116 -2.61 -5.27 11.29
N GLY A 117 -1.67 -4.36 11.51
CA GLY A 117 -0.54 -4.64 12.36
C GLY A 117 0.74 -4.17 11.71
N LEU A 118 1.05 -2.89 11.86
CA LEU A 118 2.23 -2.32 11.23
C LEU A 118 3.53 -2.82 11.86
N GLU A 119 4.11 -3.83 11.22
CA GLU A 119 5.37 -4.41 11.65
C GLU A 119 6.22 -4.71 10.42
N PHE A 120 7.34 -4.00 10.25
CA PHE A 120 8.18 -4.22 9.09
C PHE A 120 9.45 -3.37 9.14
N GLY A 24 14.19 -0.43 -4.67
CA GLY A 24 13.03 -0.12 -3.86
C GLY A 24 12.35 1.15 -4.32
N THR A 25 12.10 2.07 -3.40
CA THR A 25 11.47 3.34 -3.73
C THR A 25 12.06 4.50 -2.91
N THR A 26 13.20 4.24 -2.27
CA THR A 26 13.87 5.26 -1.46
C THR A 26 15.25 4.77 -1.05
N GLU A 27 15.93 4.11 -1.99
CA GLU A 27 17.26 3.57 -1.73
C GLU A 27 17.19 2.41 -0.75
N ARG A 28 16.04 1.73 -0.74
CA ARG A 28 15.81 0.60 0.14
C ARG A 28 14.40 0.04 -0.09
N PRO A 29 14.30 -1.19 -0.63
CA PRO A 29 12.99 -1.82 -0.89
C PRO A 29 12.12 -1.84 0.37
N ARG A 30 10.90 -1.31 0.25
CA ARG A 30 9.96 -1.22 1.37
C ARG A 30 8.57 -0.76 0.89
N LEU A 31 7.57 -0.90 1.75
CA LEU A 31 6.21 -0.49 1.44
C LEU A 31 6.14 1.02 1.26
N SER A 32 5.49 1.46 0.19
CA SER A 32 5.40 2.89 -0.09
C SER A 32 4.00 3.32 -0.47
N VAL A 33 3.78 4.63 -0.35
CA VAL A 33 2.51 5.24 -0.69
C VAL A 33 2.76 6.43 -1.60
N PHE A 34 2.43 6.29 -2.88
CA PHE A 34 2.66 7.35 -3.84
C PHE A 34 1.35 7.88 -4.40
N ARG A 35 1.42 9.05 -5.02
CA ARG A 35 0.24 9.67 -5.60
C ARG A 35 -0.01 9.21 -7.03
N SER A 36 -1.09 8.48 -7.22
CA SER A 36 -1.47 7.98 -8.53
C SER A 36 -2.09 9.11 -9.37
N ASN A 37 -1.24 9.90 -10.01
CA ASN A 37 -1.70 11.02 -10.84
C ASN A 37 -2.58 11.96 -10.03
N LYS A 38 -3.88 11.65 -9.96
CA LYS A 38 -4.82 12.48 -9.22
C LYS A 38 -5.25 11.79 -7.92
N HIS A 39 -5.29 10.47 -7.96
CA HIS A 39 -5.69 9.67 -6.82
C HIS A 39 -4.52 8.94 -6.20
N ILE A 40 -4.67 8.51 -4.94
CA ILE A 40 -3.60 7.82 -4.21
C ILE A 40 -3.26 6.44 -4.76
N TYR A 41 -1.97 6.12 -4.72
CA TYR A 41 -1.46 4.84 -5.19
C TYR A 41 -0.84 4.04 -4.05
N ALA A 42 -1.40 2.87 -3.78
CA ALA A 42 -0.86 1.99 -2.76
C ALA A 42 0.10 1.02 -3.43
N GLN A 43 1.38 1.07 -3.05
CA GLN A 43 2.37 0.20 -3.66
C GLN A 43 3.36 -0.34 -2.63
N ILE A 44 3.29 -1.65 -2.34
CA ILE A 44 4.20 -2.23 -1.36
C ILE A 44 5.35 -2.96 -2.04
N ILE A 45 6.56 -2.41 -1.93
CA ILE A 45 7.73 -3.06 -2.51
C ILE A 45 8.53 -3.71 -1.39
N ASP A 46 8.71 -5.01 -1.54
CA ASP A 46 9.39 -5.82 -0.54
C ASP A 46 10.65 -5.18 -0.01
N ASP A 47 11.19 -5.80 1.03
CA ASP A 47 12.39 -5.31 1.68
C ASP A 47 13.54 -6.33 1.61
N THR A 48 13.77 -7.07 2.70
CA THR A 48 14.85 -8.05 2.74
C THR A 48 14.32 -9.45 2.44
N LYS A 49 13.05 -9.69 2.72
CA LYS A 49 12.45 -11.00 2.49
C LYS A 49 12.18 -11.23 1.01
N SER A 50 11.21 -10.47 0.46
CA SER A 50 10.81 -10.55 -0.98
C SER A 50 9.30 -10.39 -1.15
N ALA A 51 8.67 -9.58 -0.32
CA ALA A 51 7.23 -9.35 -0.41
C ALA A 51 6.83 -8.92 -1.82
N THR A 52 5.57 -8.52 -1.98
CA THR A 52 5.10 -8.08 -3.28
C THR A 52 5.83 -6.81 -3.68
N ILE A 53 5.94 -6.57 -4.97
CA ILE A 53 6.67 -5.41 -5.47
C ILE A 53 5.72 -4.30 -5.90
N VAL A 54 4.57 -4.22 -5.25
CA VAL A 54 3.56 -3.21 -5.55
C VAL A 54 2.26 -3.51 -4.80
N SER A 55 1.18 -2.82 -5.17
CA SER A 55 -0.13 -3.03 -4.57
C SER A 55 -1.21 -2.78 -5.61
N ALA A 56 -1.74 -1.59 -5.65
CA ALA A 56 -2.76 -1.23 -6.64
C ALA A 56 -3.28 0.18 -6.43
N SER A 57 -3.78 0.76 -7.52
CA SER A 57 -4.33 2.10 -7.50
C SER A 57 -5.26 2.36 -8.66
N THR A 58 -5.79 3.56 -8.62
CA THR A 58 -6.73 4.06 -9.59
C THR A 58 -6.37 3.63 -11.02
N LEU A 59 -5.09 3.44 -11.27
CA LEU A 59 -4.65 3.01 -12.59
C LEU A 59 -3.79 1.76 -12.49
N ASP A 60 -4.43 0.67 -12.09
CA ASP A 60 -3.75 -0.62 -11.95
C ASP A 60 -4.62 -1.76 -12.47
N LYS A 61 -4.03 -2.93 -12.63
CA LYS A 61 -4.75 -4.09 -13.12
C LYS A 61 -5.77 -4.58 -12.09
N GLU A 62 -5.32 -4.72 -10.84
CA GLU A 62 -6.19 -5.18 -9.77
C GLU A 62 -7.44 -4.32 -9.68
N PHE A 63 -7.26 -3.00 -9.78
CA PHE A 63 -8.39 -2.08 -9.73
C PHE A 63 -9.46 -2.49 -10.75
N GLY A 64 -9.03 -2.65 -12.00
CA GLY A 64 -9.94 -3.05 -13.06
C GLY A 64 -11.28 -2.32 -12.99
N LEU A 65 -11.38 -1.24 -13.76
CA LEU A 65 -12.61 -0.45 -13.80
C LEU A 65 -12.97 0.04 -12.40
N ASP A 66 -12.03 0.74 -11.76
CA ASP A 66 -12.25 1.27 -10.42
C ASP A 66 -12.60 2.74 -10.48
N SER A 67 -12.83 3.26 -11.70
CA SER A 67 -13.17 4.68 -11.85
C SER A 67 -12.11 5.54 -11.16
N THR A 68 -10.93 4.98 -10.98
CA THR A 68 -9.84 5.67 -10.31
C THR A 68 -10.29 6.09 -8.92
N ASN A 69 -10.94 7.25 -8.80
CA ASN A 69 -11.45 7.74 -7.51
C ASN A 69 -10.36 7.84 -6.45
N ASN A 70 -10.69 8.52 -5.36
CA ASN A 70 -9.76 8.71 -4.27
C ASN A 70 -9.29 7.35 -3.72
N ILE A 71 -8.77 7.36 -2.50
CA ILE A 71 -8.26 6.14 -1.89
C ILE A 71 -9.30 5.02 -1.81
N GLU A 72 -10.58 5.37 -1.94
CA GLU A 72 -11.66 4.39 -1.88
C GLU A 72 -11.30 3.13 -2.66
N ALA A 73 -11.06 3.29 -3.95
CA ALA A 73 -10.67 2.16 -4.77
C ALA A 73 -9.42 1.52 -4.20
N ALA A 74 -8.47 2.36 -3.77
CA ALA A 74 -7.25 1.88 -3.15
C ALA A 74 -7.59 0.99 -1.97
N LYS A 75 -8.77 1.19 -1.39
CA LYS A 75 -9.21 0.36 -0.28
C LYS A 75 -9.53 -1.02 -0.81
N LYS A 76 -10.05 -1.06 -2.04
CA LYS A 76 -10.37 -2.31 -2.72
C LYS A 76 -9.19 -3.25 -2.60
N VAL A 77 -8.07 -2.79 -3.13
CA VAL A 77 -6.83 -3.54 -3.10
C VAL A 77 -6.19 -3.46 -1.73
N GLY A 78 -6.14 -2.26 -1.19
CA GLY A 78 -5.56 -2.05 0.12
C GLY A 78 -6.06 -3.07 1.13
N GLU A 79 -7.30 -3.55 0.92
CA GLU A 79 -7.90 -4.55 1.79
C GLU A 79 -7.39 -5.95 1.45
N LEU A 80 -7.68 -6.41 0.23
CA LEU A 80 -7.24 -7.73 -0.20
C LEU A 80 -5.73 -7.85 0.01
N VAL A 81 -5.05 -6.74 -0.27
CA VAL A 81 -3.61 -6.67 -0.12
C VAL A 81 -3.23 -6.51 1.36
N ALA A 82 -4.14 -5.95 2.16
CA ALA A 82 -3.87 -5.77 3.58
C ALA A 82 -3.47 -7.08 4.20
N LYS A 83 -4.27 -8.10 3.95
CA LYS A 83 -4.02 -9.44 4.48
C LYS A 83 -2.78 -10.07 3.85
N ARG A 84 -2.81 -10.26 2.54
CA ARG A 84 -1.68 -10.87 1.86
C ARG A 84 -0.40 -10.08 2.10
N ALA A 85 -0.52 -8.76 2.14
CA ALA A 85 0.64 -7.91 2.33
C ALA A 85 1.00 -7.73 3.81
N LEU A 86 0.01 -7.64 4.71
CA LEU A 86 0.35 -7.50 6.11
C LEU A 86 1.32 -8.63 6.49
N GLU A 87 1.27 -9.73 5.74
CA GLU A 87 2.21 -10.82 5.94
C GLU A 87 3.57 -10.38 5.39
N LYS A 88 3.60 -10.13 4.06
CA LYS A 88 4.80 -9.67 3.35
C LYS A 88 6.09 -10.12 3.98
N GLY A 89 6.72 -11.10 3.38
CA GLY A 89 7.97 -11.56 3.92
C GLY A 89 7.79 -12.41 5.16
N ILE A 90 7.52 -11.72 6.25
CA ILE A 90 7.32 -12.34 7.55
C ILE A 90 6.28 -11.55 8.33
N LYS A 91 6.47 -10.24 8.33
CA LYS A 91 5.59 -9.31 9.03
C LYS A 91 5.10 -8.24 8.06
N GLN A 92 4.23 -7.36 8.52
CA GLN A 92 3.71 -6.29 7.69
C GLN A 92 4.86 -5.41 7.28
N VAL A 93 4.60 -4.45 6.42
CA VAL A 93 5.63 -3.56 5.93
C VAL A 93 5.48 -2.16 6.52
N VAL A 94 6.54 -1.37 6.44
CA VAL A 94 6.52 -0.01 6.94
C VAL A 94 6.43 0.98 5.78
N PHE A 95 5.29 1.64 5.70
CA PHE A 95 5.03 2.61 4.65
C PHE A 95 6.08 3.71 4.61
N ASP A 96 6.66 3.88 3.42
CA ASP A 96 7.72 4.86 3.19
C ASP A 96 7.44 6.19 3.87
N ARG A 97 8.44 7.08 3.85
CA ARG A 97 8.31 8.40 4.44
C ARG A 97 7.01 9.08 4.02
N GLY A 98 6.58 8.77 2.80
CA GLY A 98 5.35 9.36 2.28
C GLY A 98 4.13 9.00 3.11
N GLY A 99 4.02 7.74 3.51
CA GLY A 99 2.90 7.30 4.31
C GLY A 99 2.80 8.03 5.63
N TYR A 100 2.24 9.24 5.60
CA TYR A 100 2.11 10.06 6.78
C TYR A 100 1.37 9.31 7.89
N LEU A 101 0.93 10.04 8.91
CA LEU A 101 0.21 9.46 10.04
C LEU A 101 -1.17 8.90 9.65
N TYR A 102 -1.52 9.03 8.39
CA TYR A 102 -2.80 8.55 7.88
C TYR A 102 -3.90 9.57 8.12
N HIS A 103 -5.15 9.10 8.06
CA HIS A 103 -6.33 9.96 8.25
C HIS A 103 -6.64 10.81 7.02
N GLY A 104 -5.79 10.74 6.00
CA GLY A 104 -6.03 11.50 4.77
C GLY A 104 -6.45 10.60 3.61
N ARG A 105 -5.70 10.67 2.52
CA ARG A 105 -5.99 9.87 1.33
C ARG A 105 -5.22 8.53 1.33
N VAL A 106 -3.89 8.61 1.41
CA VAL A 106 -3.01 7.43 1.37
C VAL A 106 -3.25 6.46 2.53
N LYS A 107 -3.79 6.99 3.61
CA LYS A 107 -4.04 6.22 4.83
C LYS A 107 -4.64 4.85 4.61
N ALA A 108 -5.39 4.63 3.54
CA ALA A 108 -6.01 3.32 3.35
C ALA A 108 -4.98 2.20 3.40
N LEU A 109 -4.02 2.21 2.48
CA LEU A 109 -3.01 1.16 2.48
C LEU A 109 -2.16 1.28 3.74
N ALA A 110 -1.73 2.51 4.02
CA ALA A 110 -0.94 2.80 5.21
C ALA A 110 -1.67 2.32 6.46
N ASP A 111 -2.99 2.23 6.37
CA ASP A 111 -3.81 1.78 7.48
C ASP A 111 -3.87 0.26 7.55
N ALA A 112 -4.11 -0.36 6.40
CA ALA A 112 -4.21 -1.81 6.33
C ALA A 112 -3.09 -2.49 7.12
N ALA A 113 -1.85 -2.24 6.71
CA ALA A 113 -0.70 -2.83 7.40
C ALA A 113 -0.50 -2.20 8.77
N ARG A 114 -0.36 -0.88 8.80
CA ARG A 114 -0.11 -0.19 10.07
C ARG A 114 -1.20 -0.47 11.09
N GLU A 115 -2.45 -0.14 10.77
CA GLU A 115 -3.57 -0.36 11.70
C GLU A 115 -3.48 -1.74 12.34
N ALA A 116 -3.40 -2.78 11.51
CA ALA A 116 -3.30 -4.14 12.02
C ALA A 116 -2.10 -4.26 12.95
N GLY A 117 -1.12 -3.38 12.77
CA GLY A 117 0.08 -3.40 13.59
C GLY A 117 1.28 -3.84 12.77
N LEU A 118 1.69 -3.00 11.84
CA LEU A 118 2.80 -3.34 10.95
C LEU A 118 4.17 -3.31 11.59
N GLU A 119 5.05 -4.18 11.09
CA GLU A 119 6.42 -4.27 11.54
C GLU A 119 7.37 -4.48 10.36
N PHE A 120 8.21 -3.49 10.07
CA PHE A 120 9.18 -3.58 8.98
C PHE A 120 9.88 -2.25 8.73
N GLY A 24 13.99 1.91 5.81
CA GLY A 24 12.75 1.48 6.46
C GLY A 24 12.62 2.08 7.84
N THR A 25 12.79 1.24 8.86
CA THR A 25 12.69 1.68 10.24
C THR A 25 13.64 0.87 11.12
N THR A 26 14.64 0.24 10.49
CA THR A 26 15.62 -0.58 11.21
C THR A 26 16.43 -1.42 10.22
N GLU A 27 15.81 -1.78 9.09
CA GLU A 27 16.50 -2.59 8.09
C GLU A 27 15.63 -2.83 6.86
N ARG A 28 16.03 -2.25 5.74
CA ARG A 28 15.31 -2.40 4.47
C ARG A 28 13.85 -1.96 4.56
N PRO A 29 13.43 -0.95 3.75
CA PRO A 29 12.06 -0.45 3.72
C PRO A 29 11.23 -1.20 2.69
N ARG A 30 9.97 -1.49 3.00
CA ARG A 30 9.15 -2.18 2.02
C ARG A 30 7.78 -1.53 1.90
N LEU A 31 7.75 -0.35 1.32
CA LEU A 31 6.51 0.34 1.09
C LEU A 31 6.61 1.39 0.00
N SER A 32 5.59 1.50 -0.83
CA SER A 32 5.59 2.52 -1.86
C SER A 32 4.27 3.30 -1.85
N VAL A 33 4.35 4.55 -1.41
CA VAL A 33 3.19 5.42 -1.36
C VAL A 33 3.33 6.51 -2.41
N PHE A 34 2.55 6.43 -3.46
CA PHE A 34 2.63 7.41 -4.52
C PHE A 34 1.25 7.91 -4.89
N ARG A 35 1.20 9.02 -5.62
CA ARG A 35 -0.08 9.60 -6.02
C ARG A 35 -0.29 9.53 -7.52
N SER A 36 -1.28 8.75 -7.94
CA SER A 36 -1.59 8.61 -9.35
C SER A 36 -2.30 9.88 -9.83
N ASN A 37 -2.62 9.94 -11.13
CA ASN A 37 -3.29 11.12 -11.70
C ASN A 37 -4.31 11.73 -10.73
N LYS A 38 -5.54 11.23 -10.75
CA LYS A 38 -6.57 11.72 -9.84
C LYS A 38 -6.93 10.63 -8.84
N HIS A 39 -5.90 9.98 -8.31
CA HIS A 39 -6.11 8.88 -7.36
C HIS A 39 -4.78 8.46 -6.75
N ILE A 40 -4.71 8.45 -5.42
CA ILE A 40 -3.48 8.07 -4.74
C ILE A 40 -3.15 6.61 -4.99
N TYR A 41 -1.92 6.34 -5.44
CA TYR A 41 -1.51 5.00 -5.74
C TYR A 41 -1.01 4.23 -4.52
N ALA A 42 -1.51 3.02 -4.33
CA ALA A 42 -1.05 2.18 -3.23
C ALA A 42 -0.07 1.17 -3.78
N GLN A 43 1.02 0.93 -3.07
CA GLN A 43 2.01 -0.03 -3.56
C GLN A 43 3.01 -0.47 -2.50
N ILE A 44 2.76 -1.58 -1.81
CA ILE A 44 3.73 -2.08 -0.84
C ILE A 44 4.87 -2.73 -1.62
N ILE A 45 6.11 -2.53 -1.17
CA ILE A 45 7.23 -3.11 -1.90
C ILE A 45 8.00 -4.07 -1.03
N ASP A 46 8.43 -5.19 -1.58
CA ASP A 46 9.15 -6.20 -0.81
C ASP A 46 10.23 -5.60 0.06
N ASP A 47 10.71 -6.40 1.01
CA ASP A 47 11.72 -5.97 1.97
C ASP A 47 13.02 -6.78 1.85
N THR A 48 13.24 -7.74 2.77
CA THR A 48 14.46 -8.54 2.78
C THR A 48 14.26 -9.89 2.09
N LYS A 49 13.03 -10.39 2.15
CA LYS A 49 12.71 -11.67 1.57
C LYS A 49 12.05 -11.52 0.21
N SER A 50 10.91 -10.82 0.19
CA SER A 50 10.14 -10.58 -1.03
C SER A 50 8.69 -10.27 -0.71
N ALA A 51 8.47 -9.28 0.15
CA ALA A 51 7.11 -8.90 0.52
C ALA A 51 6.35 -8.50 -0.73
N THR A 52 5.24 -7.81 -0.57
CA THR A 52 4.46 -7.39 -1.71
C THR A 52 5.22 -6.39 -2.57
N ILE A 53 5.25 -6.65 -3.87
CA ILE A 53 5.95 -5.79 -4.80
C ILE A 53 4.95 -4.92 -5.56
N VAL A 54 3.77 -4.72 -4.96
CA VAL A 54 2.75 -3.92 -5.59
C VAL A 54 1.57 -3.71 -4.65
N SER A 55 0.40 -3.48 -5.21
CA SER A 55 -0.82 -3.24 -4.44
C SER A 55 -1.98 -2.98 -5.38
N ALA A 56 -2.43 -1.73 -5.45
CA ALA A 56 -3.53 -1.39 -6.34
C ALA A 56 -3.92 0.08 -6.31
N SER A 57 -4.21 0.59 -7.50
CA SER A 57 -4.66 1.95 -7.66
C SER A 57 -5.20 2.20 -9.06
N THR A 58 -6.47 2.55 -9.15
CA THR A 58 -7.13 2.82 -10.43
C THR A 58 -6.63 1.91 -11.54
N LEU A 59 -6.27 0.70 -11.15
CA LEU A 59 -5.77 -0.31 -12.08
C LEU A 59 -6.38 -1.66 -11.74
N ASP A 60 -6.43 -1.97 -10.44
CA ASP A 60 -7.02 -3.22 -9.99
C ASP A 60 -8.41 -3.41 -10.58
N LYS A 61 -8.95 -4.62 -10.45
CA LYS A 61 -10.28 -4.91 -10.99
C LYS A 61 -11.38 -4.56 -9.98
N GLU A 62 -11.20 -4.98 -8.74
CA GLU A 62 -12.17 -4.73 -7.68
C GLU A 62 -12.54 -3.24 -7.61
N PHE A 63 -11.58 -2.36 -7.90
CA PHE A 63 -11.83 -0.92 -7.86
C PHE A 63 -13.10 -0.56 -8.60
N GLY A 64 -13.22 -1.04 -9.82
CA GLY A 64 -14.39 -0.77 -10.61
C GLY A 64 -14.06 -0.14 -11.94
N LEU A 65 -13.78 -0.99 -12.93
CA LEU A 65 -13.44 -0.50 -14.27
C LEU A 65 -12.33 0.53 -14.20
N ASP A 66 -11.54 0.47 -13.13
CA ASP A 66 -10.43 1.40 -12.94
C ASP A 66 -10.94 2.82 -12.72
N SER A 67 -10.50 3.43 -11.63
CA SER A 67 -10.89 4.79 -11.28
C SER A 67 -10.44 5.18 -9.88
N THR A 68 -10.37 4.19 -9.00
CA THR A 68 -9.98 4.42 -7.59
C THR A 68 -11.06 5.24 -6.91
N ASN A 69 -11.14 6.51 -7.29
CA ASN A 69 -12.13 7.41 -6.72
C ASN A 69 -12.07 7.37 -5.20
N ASN A 70 -11.37 8.34 -4.62
CA ASN A 70 -11.21 8.42 -3.18
C ASN A 70 -10.32 7.28 -2.68
N ILE A 71 -9.55 7.54 -1.63
CA ILE A 71 -8.66 6.53 -1.07
C ILE A 71 -9.38 5.21 -0.77
N GLU A 72 -10.70 5.27 -0.63
CA GLU A 72 -11.49 4.08 -0.33
C GLU A 72 -11.05 2.89 -1.18
N ALA A 73 -10.98 3.09 -2.50
CA ALA A 73 -10.55 2.05 -3.42
C ALA A 73 -9.11 1.67 -3.15
N ALA A 74 -8.23 2.67 -3.11
CA ALA A 74 -6.81 2.43 -2.84
C ALA A 74 -6.66 1.58 -1.59
N LYS A 75 -7.61 1.73 -0.68
CA LYS A 75 -7.62 0.97 0.56
C LYS A 75 -8.25 -0.40 0.34
N LYS A 76 -9.17 -0.48 -0.62
CA LYS A 76 -9.86 -1.73 -0.91
C LYS A 76 -8.85 -2.85 -1.18
N VAL A 77 -8.08 -2.70 -2.25
CA VAL A 77 -7.08 -3.67 -2.59
C VAL A 77 -5.80 -3.40 -1.81
N GLY A 78 -5.55 -2.12 -1.54
CA GLY A 78 -4.39 -1.75 -0.76
C GLY A 78 -4.33 -2.55 0.52
N GLU A 79 -5.52 -2.93 1.01
CA GLU A 79 -5.65 -3.74 2.20
C GLU A 79 -5.38 -5.19 1.87
N LEU A 80 -6.05 -5.68 0.81
CA LEU A 80 -5.84 -7.07 0.39
C LEU A 80 -4.35 -7.33 0.21
N VAL A 81 -3.71 -6.54 -0.65
CA VAL A 81 -2.27 -6.67 -0.89
C VAL A 81 -1.51 -6.52 0.42
N ALA A 82 -2.07 -5.72 1.34
CA ALA A 82 -1.46 -5.50 2.64
C ALA A 82 -1.27 -6.82 3.37
N LYS A 83 -2.38 -7.51 3.59
CA LYS A 83 -2.34 -8.80 4.28
C LYS A 83 -1.48 -9.78 3.49
N ARG A 84 -1.49 -9.64 2.17
CA ARG A 84 -0.69 -10.51 1.30
C ARG A 84 0.80 -10.25 1.55
N ALA A 85 1.11 -9.01 1.93
CA ALA A 85 2.48 -8.61 2.20
C ALA A 85 3.02 -9.34 3.42
N LEU A 86 2.22 -9.38 4.49
CA LEU A 86 2.65 -10.06 5.71
C LEU A 86 2.71 -11.56 5.50
N GLU A 87 2.01 -12.06 4.49
CA GLU A 87 2.02 -13.48 4.18
C GLU A 87 3.29 -13.83 3.41
N LYS A 88 3.78 -12.89 2.62
CA LYS A 88 4.98 -13.09 1.83
C LYS A 88 6.23 -13.08 2.71
N GLY A 89 6.76 -11.89 2.97
CA GLY A 89 7.94 -11.77 3.81
C GLY A 89 7.80 -12.52 5.11
N ILE A 90 7.00 -11.97 6.02
CA ILE A 90 6.78 -12.58 7.32
C ILE A 90 5.76 -11.76 8.12
N LYS A 91 5.85 -10.45 7.99
CA LYS A 91 4.94 -9.54 8.69
C LYS A 91 4.51 -8.42 7.77
N GLN A 92 3.58 -7.61 8.25
CA GLN A 92 3.08 -6.49 7.49
C GLN A 92 4.24 -5.54 7.21
N VAL A 93 4.01 -4.49 6.45
CA VAL A 93 5.09 -3.58 6.08
C VAL A 93 5.06 -2.25 6.80
N VAL A 94 6.11 -1.46 6.57
CA VAL A 94 6.22 -0.16 7.19
C VAL A 94 6.10 0.95 6.16
N PHE A 95 5.19 1.85 6.42
CA PHE A 95 4.95 2.99 5.53
C PHE A 95 6.25 3.70 5.18
N ASP A 96 6.28 4.32 4.01
CA ASP A 96 7.46 5.04 3.55
C ASP A 96 7.30 6.54 3.73
N ARG A 97 8.24 7.31 3.19
CA ARG A 97 8.19 8.77 3.27
C ARG A 97 6.80 9.27 2.92
N GLY A 98 6.23 8.72 1.85
CA GLY A 98 4.90 9.12 1.45
C GLY A 98 3.91 8.94 2.58
N GLY A 99 3.85 7.72 3.12
CA GLY A 99 2.97 7.45 4.23
C GLY A 99 3.49 8.07 5.51
N TYR A 100 2.75 7.93 6.61
CA TYR A 100 3.18 8.52 7.88
C TYR A 100 2.22 8.16 9.02
N LEU A 101 2.18 8.99 10.07
CA LEU A 101 1.29 8.74 11.21
C LEU A 101 -0.12 8.44 10.71
N TYR A 102 -0.45 9.03 9.57
CA TYR A 102 -1.74 8.87 8.89
C TYR A 102 -2.70 10.01 9.20
N HIS A 103 -3.89 9.93 8.58
CA HIS A 103 -4.95 10.92 8.72
C HIS A 103 -5.92 10.89 7.51
N GLY A 104 -5.45 11.39 6.36
CA GLY A 104 -6.28 11.45 5.16
C GLY A 104 -6.24 10.22 4.24
N ARG A 105 -5.76 10.42 3.00
CA ARG A 105 -5.75 9.35 1.99
C ARG A 105 -4.48 8.47 1.93
N VAL A 106 -3.28 9.08 1.70
CA VAL A 106 -2.02 8.27 1.60
C VAL A 106 -2.02 7.19 2.69
N LYS A 107 -2.40 7.67 3.84
CA LYS A 107 -2.51 6.89 5.05
C LYS A 107 -3.19 5.57 4.81
N ALA A 108 -4.45 5.59 4.39
CA ALA A 108 -5.19 4.35 4.15
C ALA A 108 -4.36 3.31 3.42
N LEU A 109 -3.38 3.78 2.64
CA LEU A 109 -2.51 2.90 1.90
C LEU A 109 -1.61 2.06 2.83
N ALA A 110 -0.71 2.76 3.50
CA ALA A 110 0.19 2.12 4.44
C ALA A 110 -0.54 1.82 5.76
N ASP A 111 -1.67 2.49 5.94
CA ASP A 111 -2.53 2.31 7.09
C ASP A 111 -3.36 1.06 6.88
N ALA A 112 -3.75 0.82 5.63
CA ALA A 112 -4.51 -0.40 5.31
C ALA A 112 -3.71 -1.56 5.84
N ALA A 113 -2.41 -1.49 5.58
CA ALA A 113 -1.49 -2.49 6.10
C ALA A 113 -1.41 -2.33 7.60
N ARG A 114 -1.41 -1.07 8.05
CA ARG A 114 -1.33 -0.78 9.47
C ARG A 114 -2.44 -1.43 10.26
N GLU A 115 -3.67 -1.01 9.97
CA GLU A 115 -4.85 -1.51 10.66
C GLU A 115 -4.87 -3.04 10.66
N ALA A 116 -4.64 -3.63 9.51
CA ALA A 116 -4.61 -5.09 9.41
C ALA A 116 -3.59 -5.64 10.39
N GLY A 117 -2.57 -4.84 10.68
CA GLY A 117 -1.53 -5.23 11.60
C GLY A 117 -0.20 -4.62 11.23
N LEU A 118 0.04 -3.42 11.71
CA LEU A 118 1.28 -2.72 11.41
C LEU A 118 2.46 -3.31 12.16
N GLU A 119 3.21 -4.15 11.47
CA GLU A 119 4.42 -4.73 12.03
C GLU A 119 5.50 -4.68 10.97
N PHE A 120 6.45 -3.77 11.17
CA PHE A 120 7.56 -3.59 10.23
C PHE A 120 8.21 -2.24 10.45
N GLY A 24 13.35 -1.13 -5.09
CA GLY A 24 12.93 -2.51 -5.09
C GLY A 24 13.46 -3.26 -6.30
N THR A 25 13.78 -2.52 -7.36
CA THR A 25 14.30 -3.11 -8.58
C THR A 25 15.72 -2.65 -8.85
N THR A 26 16.58 -2.82 -7.83
CA THR A 26 18.00 -2.45 -7.87
C THR A 26 18.42 -1.99 -6.49
N GLU A 27 17.53 -1.25 -5.82
CA GLU A 27 17.81 -0.75 -4.47
C GLU A 27 16.64 0.05 -3.93
N ARG A 28 16.68 0.29 -2.61
CA ARG A 28 15.64 1.05 -1.93
C ARG A 28 14.29 0.32 -1.93
N PRO A 29 14.29 -0.97 -1.57
CA PRO A 29 13.05 -1.77 -1.49
C PRO A 29 12.24 -1.39 -0.24
N ARG A 30 10.96 -1.01 -0.44
CA ARG A 30 10.08 -0.56 0.66
C ARG A 30 8.66 -0.38 0.18
N LEU A 31 7.71 -0.28 1.09
CA LEU A 31 6.35 -0.04 0.67
C LEU A 31 6.28 1.35 0.08
N SER A 32 5.58 1.51 -1.03
CA SER A 32 5.48 2.81 -1.68
C SER A 32 4.08 3.42 -1.55
N VAL A 33 4.03 4.63 -0.98
CA VAL A 33 2.78 5.34 -0.83
C VAL A 33 2.86 6.66 -1.58
N PHE A 34 2.21 6.73 -2.73
CA PHE A 34 2.24 7.93 -3.53
C PHE A 34 0.88 8.22 -4.15
N ARG A 35 0.69 9.44 -4.62
CA ARG A 35 -0.55 9.81 -5.28
C ARG A 35 -0.37 9.73 -6.79
N SER A 36 -0.99 8.74 -7.41
CA SER A 36 -0.89 8.54 -8.84
C SER A 36 -1.79 9.50 -9.59
N ASN A 37 -1.30 10.72 -9.81
CA ASN A 37 -2.04 11.76 -10.52
C ASN A 37 -3.54 11.71 -10.26
N LYS A 38 -3.98 12.39 -9.19
CA LYS A 38 -5.39 12.45 -8.81
C LYS A 38 -5.82 11.27 -7.93
N HIS A 39 -5.23 10.10 -8.14
CA HIS A 39 -5.62 8.93 -7.35
C HIS A 39 -4.50 8.51 -6.39
N ILE A 40 -4.87 8.34 -5.13
CA ILE A 40 -3.92 7.91 -4.10
C ILE A 40 -3.44 6.50 -4.40
N TYR A 41 -2.24 6.35 -4.95
CA TYR A 41 -1.75 5.02 -5.30
C TYR A 41 -1.13 4.27 -4.15
N ALA A 42 -1.54 3.01 -4.03
CA ALA A 42 -1.02 2.13 -3.02
C ALA A 42 -0.07 1.15 -3.68
N GLN A 43 1.10 0.95 -3.07
CA GLN A 43 2.09 0.04 -3.60
C GLN A 43 2.94 -0.51 -2.46
N ILE A 44 3.14 -1.81 -2.41
CA ILE A 44 3.95 -2.41 -1.36
C ILE A 44 5.08 -3.21 -1.97
N ILE A 45 6.26 -2.63 -2.09
CA ILE A 45 7.38 -3.39 -2.61
C ILE A 45 8.27 -3.68 -1.43
N ASP A 46 8.54 -4.97 -1.22
CA ASP A 46 9.29 -5.39 -0.06
C ASP A 46 10.53 -4.55 0.20
N ASP A 47 11.18 -4.81 1.34
CA ASP A 47 12.36 -4.08 1.78
C ASP A 47 13.39 -5.08 2.32
N THR A 48 13.57 -5.13 3.64
CA THR A 48 14.51 -6.06 4.25
C THR A 48 13.77 -7.28 4.78
N LYS A 49 12.52 -7.06 5.17
CA LYS A 49 11.66 -8.09 5.71
C LYS A 49 10.23 -7.60 5.60
N SER A 50 9.98 -6.81 4.55
CA SER A 50 8.69 -6.21 4.35
C SER A 50 7.58 -7.22 4.17
N ALA A 51 7.27 -7.59 2.92
CA ALA A 51 6.16 -8.50 2.68
C ALA A 51 5.83 -8.65 1.19
N THR A 52 4.95 -7.81 0.71
CA THR A 52 4.51 -7.86 -0.66
C THR A 52 5.38 -7.03 -1.59
N ILE A 53 5.33 -7.42 -2.86
CA ILE A 53 6.10 -6.75 -3.90
C ILE A 53 5.20 -5.83 -4.73
N VAL A 54 3.92 -5.68 -4.33
CA VAL A 54 2.98 -4.83 -5.07
C VAL A 54 1.80 -4.40 -4.19
N SER A 55 0.79 -3.80 -4.82
CA SER A 55 -0.42 -3.34 -4.14
C SER A 55 -1.45 -2.94 -5.20
N ALA A 56 -2.14 -1.80 -5.02
CA ALA A 56 -3.13 -1.41 -6.02
C ALA A 56 -3.71 -0.01 -5.82
N SER A 57 -4.20 0.52 -6.93
CA SER A 57 -4.84 1.81 -6.98
C SER A 57 -5.54 1.98 -8.31
N THR A 58 -5.95 3.21 -8.63
CA THR A 58 -6.61 3.48 -9.91
C THR A 58 -5.92 2.71 -11.03
N LEU A 59 -6.65 2.46 -12.11
CA LEU A 59 -6.10 1.71 -13.23
C LEU A 59 -5.98 0.22 -12.91
N ASP A 60 -6.66 -0.23 -11.84
CA ASP A 60 -6.62 -1.64 -11.44
C ASP A 60 -7.69 -2.44 -12.17
N LYS A 61 -8.03 -3.60 -11.64
CA LYS A 61 -9.05 -4.47 -12.25
C LYS A 61 -10.45 -4.11 -11.75
N GLU A 62 -10.69 -4.38 -10.47
CA GLU A 62 -11.98 -4.11 -9.86
C GLU A 62 -12.40 -2.65 -10.08
N PHE A 63 -11.41 -1.78 -10.24
CA PHE A 63 -11.68 -0.36 -10.45
C PHE A 63 -12.13 -0.10 -11.89
N GLY A 64 -11.53 -0.82 -12.83
CA GLY A 64 -11.89 -0.65 -14.22
C GLY A 64 -11.85 0.80 -14.66
N LEU A 65 -10.67 1.41 -14.55
CA LEU A 65 -10.50 2.80 -14.95
C LEU A 65 -11.30 3.74 -14.06
N ASP A 66 -10.60 4.49 -13.21
CA ASP A 66 -11.23 5.46 -12.31
C ASP A 66 -12.05 4.77 -11.23
N SER A 67 -11.61 4.92 -9.99
CA SER A 67 -12.29 4.32 -8.84
C SER A 67 -11.52 4.61 -7.57
N THR A 68 -10.22 4.35 -7.64
CA THR A 68 -9.31 4.56 -6.51
C THR A 68 -9.28 6.04 -6.11
N ASN A 69 -9.78 6.92 -6.98
CA ASN A 69 -9.81 8.37 -6.70
C ASN A 69 -10.18 8.62 -5.24
N ASN A 70 -11.00 7.74 -4.71
CA ASN A 70 -11.42 7.81 -3.31
C ASN A 70 -10.80 6.65 -2.55
N ILE A 71 -10.31 6.92 -1.35
CA ILE A 71 -9.67 5.90 -0.53
C ILE A 71 -10.45 4.58 -0.55
N GLU A 72 -11.76 4.67 -0.77
CA GLU A 72 -12.61 3.48 -0.80
C GLU A 72 -12.05 2.38 -1.69
N ALA A 73 -11.88 2.69 -2.98
CA ALA A 73 -11.35 1.71 -3.94
C ALA A 73 -9.96 1.24 -3.56
N ALA A 74 -9.00 2.16 -3.49
CA ALA A 74 -7.63 1.79 -3.14
C ALA A 74 -7.62 0.96 -1.86
N LYS A 75 -8.63 1.16 -1.02
CA LYS A 75 -8.74 0.42 0.23
C LYS A 75 -9.16 -1.02 -0.07
N LYS A 76 -9.90 -1.20 -1.16
CA LYS A 76 -10.35 -2.53 -1.57
C LYS A 76 -9.16 -3.42 -1.88
N VAL A 77 -8.39 -3.01 -2.88
CA VAL A 77 -7.22 -3.78 -3.29
C VAL A 77 -6.00 -3.46 -2.43
N GLY A 78 -5.73 -2.17 -2.23
CA GLY A 78 -4.59 -1.79 -1.41
C GLY A 78 -4.58 -2.58 -0.10
N GLU A 79 -5.77 -2.96 0.35
CA GLU A 79 -5.92 -3.74 1.59
C GLU A 79 -5.58 -5.21 1.34
N LEU A 80 -6.25 -5.82 0.35
CA LEU A 80 -6.01 -7.22 0.01
C LEU A 80 -4.50 -7.50 -0.05
N VAL A 81 -3.80 -6.74 -0.88
CA VAL A 81 -2.36 -6.87 -1.01
C VAL A 81 -1.70 -6.70 0.35
N ALA A 82 -2.21 -5.74 1.13
CA ALA A 82 -1.68 -5.47 2.46
C ALA A 82 -1.69 -6.73 3.32
N LYS A 83 -2.80 -7.45 3.29
CA LYS A 83 -2.94 -8.68 4.07
C LYS A 83 -1.91 -9.72 3.64
N ARG A 84 -1.98 -10.14 2.38
CA ARG A 84 -1.03 -11.12 1.85
C ARG A 84 0.39 -10.73 2.26
N ALA A 85 0.62 -9.42 2.29
CA ALA A 85 1.88 -8.88 2.69
C ALA A 85 2.27 -9.43 4.06
N LEU A 86 1.35 -9.33 5.03
CA LEU A 86 1.61 -9.85 6.36
C LEU A 86 2.09 -11.29 6.28
N GLU A 87 1.59 -12.02 5.29
CA GLU A 87 2.00 -13.40 5.10
C GLU A 87 3.45 -13.46 4.61
N LYS A 88 3.91 -12.37 3.99
CA LYS A 88 5.25 -12.28 3.51
C LYS A 88 6.12 -11.54 4.51
N GLY A 89 7.34 -11.31 4.12
CA GLY A 89 8.31 -10.62 4.96
C GLY A 89 8.44 -11.28 6.33
N ILE A 90 9.48 -10.93 7.07
CA ILE A 90 9.66 -11.48 8.41
C ILE A 90 8.54 -10.92 9.27
N LYS A 91 8.23 -9.66 8.99
CA LYS A 91 7.16 -8.94 9.64
C LYS A 91 6.39 -8.21 8.55
N GLN A 92 5.29 -7.59 8.89
CA GLN A 92 4.47 -6.87 7.92
C GLN A 92 5.20 -5.64 7.37
N VAL A 93 4.59 -4.90 6.42
CA VAL A 93 5.26 -3.73 5.85
C VAL A 93 4.23 -2.69 5.35
N VAL A 94 4.23 -1.46 5.89
CA VAL A 94 3.28 -0.47 5.36
C VAL A 94 3.69 1.00 5.53
N PHE A 95 4.56 1.47 4.65
CA PHE A 95 4.95 2.89 4.56
C PHE A 95 6.11 3.13 3.59
N ASP A 96 6.21 4.37 3.11
CA ASP A 96 7.28 4.77 2.22
C ASP A 96 7.87 6.08 2.76
N ARG A 97 8.74 6.75 2.01
CA ARG A 97 9.31 8.01 2.45
C ARG A 97 8.20 8.93 2.96
N GLY A 98 7.00 8.73 2.41
CA GLY A 98 5.85 9.52 2.81
C GLY A 98 5.02 8.83 3.88
N GLY A 99 4.87 7.51 3.76
CA GLY A 99 4.10 6.76 4.75
C GLY A 99 4.55 7.08 6.16
N TYR A 100 3.62 7.08 7.11
CA TYR A 100 3.95 7.43 8.48
C TYR A 100 2.81 7.08 9.48
N LEU A 101 2.33 8.05 10.28
CA LEU A 101 1.26 7.76 11.24
C LEU A 101 -0.06 7.53 10.53
N TYR A 102 -0.23 8.23 9.41
CA TYR A 102 -1.40 8.13 8.55
C TYR A 102 -2.50 9.14 8.89
N HIS A 103 -3.74 8.83 8.44
CA HIS A 103 -4.89 9.70 8.64
C HIS A 103 -4.96 10.72 7.51
N GLY A 104 -4.92 10.21 6.27
CA GLY A 104 -4.95 11.06 5.10
C GLY A 104 -5.29 10.30 3.82
N ARG A 105 -4.60 10.63 2.71
CA ARG A 105 -4.87 9.98 1.43
C ARG A 105 -4.00 8.73 1.21
N VAL A 106 -2.67 8.91 1.16
CA VAL A 106 -1.77 7.76 0.99
C VAL A 106 -1.84 6.94 2.27
N LYS A 107 -1.89 7.70 3.35
CA LYS A 107 -2.01 7.20 4.69
C LYS A 107 -3.05 6.08 4.77
N ALA A 108 -4.04 6.16 3.91
CA ALA A 108 -5.09 5.15 3.87
C ALA A 108 -4.50 3.77 3.69
N LEU A 109 -3.80 3.57 2.58
CA LEU A 109 -3.17 2.30 2.29
C LEU A 109 -2.30 1.86 3.46
N ALA A 110 -1.29 2.66 3.75
CA ALA A 110 -0.39 2.37 4.84
C ALA A 110 -1.18 2.16 6.14
N ASP A 111 -2.40 2.70 6.17
CA ASP A 111 -3.27 2.56 7.33
C ASP A 111 -4.06 1.25 7.25
N ALA A 112 -4.53 0.92 6.05
CA ALA A 112 -5.28 -0.31 5.82
C ALA A 112 -4.53 -1.50 6.38
N ALA A 113 -3.27 -1.60 6.00
CA ALA A 113 -2.42 -2.68 6.46
C ALA A 113 -1.98 -2.44 7.89
N ARG A 114 -1.31 -1.32 8.14
CA ARG A 114 -0.86 -1.01 9.49
C ARG A 114 -1.98 -1.20 10.50
N GLU A 115 -3.19 -0.80 10.12
CA GLU A 115 -4.36 -0.95 10.99
C GLU A 115 -4.60 -2.42 11.28
N ALA A 116 -4.72 -3.22 10.22
CA ALA A 116 -4.92 -4.65 10.36
C ALA A 116 -3.89 -5.24 11.32
N GLY A 117 -2.75 -4.57 11.39
CA GLY A 117 -1.67 -5.01 12.25
C GLY A 117 -0.41 -5.31 11.48
N LEU A 118 0.00 -4.35 10.66
CA LEU A 118 1.19 -4.51 9.85
C LEU A 118 2.32 -3.62 10.34
N GLU A 119 3.28 -4.24 11.02
CA GLU A 119 4.43 -3.53 11.57
C GLU A 119 5.62 -3.52 10.61
N PHE A 120 6.39 -2.44 10.63
CA PHE A 120 7.59 -2.32 9.81
C PHE A 120 8.26 -0.96 10.00
N GLY A 24 13.64 0.81 -2.88
CA GLY A 24 12.34 1.40 -2.64
C GLY A 24 12.14 2.65 -3.47
N THR A 25 11.95 3.79 -2.82
CA THR A 25 11.75 5.05 -3.51
C THR A 25 12.27 6.24 -2.68
N THR A 26 13.12 5.94 -1.68
CA THR A 26 13.70 6.95 -0.80
C THR A 26 14.69 6.27 0.14
N GLU A 27 15.47 5.35 -0.39
CA GLU A 27 16.45 4.60 0.40
C GLU A 27 15.74 3.50 1.18
N ARG A 28 16.10 2.24 0.89
CA ARG A 28 15.49 1.09 1.54
C ARG A 28 14.09 0.84 0.99
N PRO A 29 13.72 -0.43 0.72
CA PRO A 29 12.41 -0.76 0.18
C PRO A 29 11.37 -1.00 1.28
N ARG A 30 10.13 -0.65 1.00
CA ARG A 30 9.04 -0.78 1.95
C ARG A 30 7.70 -0.41 1.30
N LEU A 31 6.60 -0.68 1.97
CA LEU A 31 5.29 -0.34 1.43
C LEU A 31 5.04 1.14 1.58
N SER A 32 5.38 1.93 0.58
CA SER A 32 5.14 3.37 0.65
C SER A 32 4.81 3.98 -0.68
N VAL A 33 3.56 4.33 -0.89
CA VAL A 33 3.21 5.01 -2.13
C VAL A 33 1.92 5.79 -2.06
N PHE A 34 1.93 6.85 -2.82
CA PHE A 34 0.77 7.66 -3.00
C PHE A 34 0.85 8.39 -4.35
N ARG A 35 0.34 7.81 -5.41
CA ARG A 35 0.37 8.47 -6.71
C ARG A 35 -0.25 7.62 -7.82
N SER A 36 -1.44 8.01 -8.25
CA SER A 36 -2.13 7.31 -9.34
C SER A 36 -2.71 8.34 -10.30
N ASN A 37 -1.88 8.84 -11.21
CA ASN A 37 -2.34 9.85 -12.18
C ASN A 37 -3.04 11.01 -11.47
N LYS A 38 -4.35 10.85 -11.23
CA LYS A 38 -5.15 11.88 -10.57
C LYS A 38 -5.55 11.43 -9.15
N HIS A 39 -5.51 10.12 -8.91
CA HIS A 39 -5.89 9.55 -7.62
C HIS A 39 -4.68 8.94 -6.92
N ILE A 40 -4.82 8.64 -5.62
CA ILE A 40 -3.72 8.07 -4.83
C ILE A 40 -3.34 6.65 -5.25
N TYR A 41 -2.13 6.23 -4.85
CA TYR A 41 -1.59 4.91 -5.13
C TYR A 41 -0.63 4.48 -4.05
N ALA A 42 -0.99 3.45 -3.30
CA ALA A 42 -0.06 2.93 -2.29
C ALA A 42 0.47 1.59 -2.78
N GLN A 43 1.80 1.39 -2.68
CA GLN A 43 2.38 0.15 -3.16
C GLN A 43 3.29 -0.51 -2.13
N ILE A 44 3.08 -1.81 -1.92
CA ILE A 44 3.87 -2.59 -0.98
C ILE A 44 5.10 -3.14 -1.65
N ILE A 45 6.27 -2.60 -1.33
CA ILE A 45 7.49 -3.11 -1.91
C ILE A 45 8.41 -3.58 -0.80
N ASP A 46 8.60 -4.89 -0.80
CA ASP A 46 9.40 -5.60 0.20
C ASP A 46 10.76 -5.01 0.45
N ASP A 47 11.02 -4.80 1.74
CA ASP A 47 12.27 -4.27 2.21
C ASP A 47 13.41 -5.27 1.96
N THR A 48 14.14 -5.66 3.00
CA THR A 48 15.25 -6.59 2.84
C THR A 48 14.85 -8.02 3.18
N LYS A 49 13.63 -8.21 3.69
CA LYS A 49 13.17 -9.55 4.05
C LYS A 49 12.21 -10.12 3.01
N SER A 50 12.24 -9.54 1.81
CA SER A 50 11.38 -9.99 0.73
C SER A 50 9.90 -9.93 1.11
N ALA A 51 9.06 -9.74 0.09
CA ALA A 51 7.63 -9.64 0.28
C ALA A 51 6.97 -9.26 -1.04
N THR A 52 5.82 -8.61 -0.99
CA THR A 52 5.12 -8.21 -2.20
C THR A 52 5.65 -6.90 -2.75
N ILE A 53 5.50 -6.73 -4.07
CA ILE A 53 5.96 -5.54 -4.76
C ILE A 53 4.84 -4.98 -5.61
N VAL A 54 3.63 -5.01 -5.05
CA VAL A 54 2.44 -4.52 -5.74
C VAL A 54 1.40 -4.01 -4.75
N SER A 55 0.26 -3.53 -5.25
CA SER A 55 -0.78 -3.02 -4.36
C SER A 55 -2.04 -2.56 -5.09
N ALA A 56 -2.55 -1.36 -4.75
CA ALA A 56 -3.78 -0.88 -5.37
C ALA A 56 -3.86 0.63 -5.55
N SER A 57 -4.48 0.96 -6.68
CA SER A 57 -4.75 2.33 -7.08
C SER A 57 -5.77 2.31 -8.21
N THR A 58 -5.99 3.43 -8.89
CA THR A 58 -6.97 3.46 -9.98
C THR A 58 -6.58 2.53 -11.12
N LEU A 59 -5.29 2.23 -11.28
CA LEU A 59 -4.89 1.28 -12.33
C LEU A 59 -5.66 0.00 -12.06
N ASP A 60 -5.65 -0.33 -10.78
CA ASP A 60 -6.43 -1.42 -10.21
C ASP A 60 -6.47 -2.73 -10.95
N LYS A 61 -6.84 -3.73 -10.18
CA LYS A 61 -7.12 -5.06 -10.67
C LYS A 61 -8.61 -5.13 -10.95
N GLU A 62 -9.39 -4.98 -9.86
CA GLU A 62 -10.85 -5.01 -9.88
C GLU A 62 -11.51 -3.63 -10.06
N PHE A 63 -10.95 -2.58 -9.43
CA PHE A 63 -11.58 -1.25 -9.49
C PHE A 63 -12.10 -0.90 -10.88
N GLY A 64 -11.48 -1.47 -11.91
CA GLY A 64 -11.89 -1.20 -13.28
C GLY A 64 -11.71 0.27 -13.67
N LEU A 65 -12.71 0.86 -14.32
CA LEU A 65 -12.62 2.26 -14.73
C LEU A 65 -12.56 3.16 -13.50
N ASP A 66 -13.68 3.80 -13.12
CA ASP A 66 -13.68 4.62 -11.92
C ASP A 66 -13.28 3.77 -10.77
N SER A 67 -12.01 3.90 -10.45
CA SER A 67 -11.41 3.11 -9.44
C SER A 67 -11.15 3.84 -8.13
N THR A 68 -9.90 4.24 -7.89
CA THR A 68 -9.54 4.93 -6.65
C THR A 68 -10.57 5.98 -6.28
N ASN A 69 -10.63 7.07 -7.05
CA ASN A 69 -11.57 8.16 -6.78
C ASN A 69 -11.55 8.46 -5.29
N ASN A 70 -10.32 8.45 -4.78
CA ASN A 70 -10.00 8.62 -3.36
C ASN A 70 -9.59 7.24 -2.83
N ILE A 71 -8.57 7.20 -1.98
CA ILE A 71 -8.05 5.93 -1.48
C ILE A 71 -9.11 4.89 -1.09
N GLU A 72 -10.36 5.28 -0.87
CA GLU A 72 -11.39 4.30 -0.48
C GLU A 72 -11.30 3.03 -1.35
N ALA A 73 -11.33 3.21 -2.67
CA ALA A 73 -11.22 2.08 -3.59
C ALA A 73 -9.82 1.48 -3.51
N ALA A 74 -8.81 2.35 -3.59
CA ALA A 74 -7.43 1.92 -3.52
C ALA A 74 -7.21 1.10 -2.26
N LYS A 75 -8.00 1.38 -1.24
CA LYS A 75 -7.92 0.66 0.03
C LYS A 75 -8.52 -0.72 -0.12
N LYS A 76 -9.50 -0.83 -1.01
CA LYS A 76 -10.14 -2.12 -1.28
C LYS A 76 -9.08 -3.16 -1.62
N VAL A 77 -8.35 -2.90 -2.71
CA VAL A 77 -7.29 -3.81 -3.11
C VAL A 77 -5.99 -3.48 -2.37
N GLY A 78 -5.80 -2.20 -2.08
CA GLY A 78 -4.62 -1.77 -1.35
C GLY A 78 -4.49 -2.57 -0.06
N GLU A 79 -5.64 -2.89 0.52
CA GLU A 79 -5.69 -3.67 1.75
C GLU A 79 -5.51 -5.15 1.41
N LEU A 80 -6.18 -5.59 0.35
CA LEU A 80 -6.07 -6.97 -0.08
C LEU A 80 -4.61 -7.33 -0.30
N VAL A 81 -3.88 -6.43 -0.98
CA VAL A 81 -2.46 -6.64 -1.24
C VAL A 81 -1.71 -6.70 0.09
N ALA A 82 -2.18 -5.91 1.06
CA ALA A 82 -1.57 -5.88 2.39
C ALA A 82 -1.63 -7.26 3.03
N LYS A 83 -2.76 -7.95 2.82
CA LYS A 83 -2.95 -9.29 3.36
C LYS A 83 -1.90 -10.25 2.82
N ARG A 84 -1.83 -10.34 1.49
CA ARG A 84 -0.85 -11.21 0.86
C ARG A 84 0.56 -10.69 1.16
N ALA A 85 0.65 -9.38 1.35
CA ALA A 85 1.92 -8.75 1.66
C ALA A 85 2.45 -9.23 3.01
N LEU A 86 1.66 -9.02 4.06
CA LEU A 86 2.07 -9.45 5.40
C LEU A 86 2.29 -10.95 5.48
N GLU A 87 1.74 -11.68 4.52
CA GLU A 87 1.89 -13.13 4.50
C GLU A 87 3.21 -13.54 3.87
N LYS A 88 3.67 -12.76 2.90
CA LYS A 88 4.94 -13.05 2.23
C LYS A 88 6.10 -12.37 2.95
N GLY A 89 5.87 -11.14 3.39
CA GLY A 89 6.88 -10.39 4.10
C GLY A 89 7.11 -10.87 5.52
N ILE A 90 6.24 -11.79 5.98
CA ILE A 90 6.30 -12.35 7.34
C ILE A 90 5.40 -11.56 8.28
N LYS A 91 5.27 -10.27 7.98
CA LYS A 91 4.46 -9.35 8.76
C LYS A 91 4.10 -8.17 7.87
N GLN A 92 3.26 -7.28 8.37
CA GLN A 92 2.87 -6.13 7.57
C GLN A 92 4.11 -5.32 7.24
N VAL A 93 3.96 -4.33 6.38
CA VAL A 93 5.10 -3.51 5.98
C VAL A 93 4.91 -2.10 6.49
N VAL A 94 6.01 -1.38 6.66
CA VAL A 94 5.93 -0.02 7.15
C VAL A 94 6.17 0.95 6.01
N PHE A 95 5.38 2.02 5.97
CA PHE A 95 5.51 2.98 4.90
C PHE A 95 6.72 3.85 5.05
N ASP A 96 7.63 3.58 4.15
CA ASP A 96 8.89 4.28 4.07
C ASP A 96 8.70 5.80 4.10
N ARG A 97 8.60 6.44 2.92
CA ARG A 97 8.44 7.88 2.82
C ARG A 97 7.03 8.25 2.40
N GLY A 98 6.53 7.62 1.33
CA GLY A 98 5.18 7.91 0.87
C GLY A 98 4.19 7.98 2.01
N GLY A 99 3.72 6.83 2.46
CA GLY A 99 2.82 6.82 3.58
C GLY A 99 3.57 7.17 4.85
N TYR A 100 2.93 7.12 6.02
CA TYR A 100 3.62 7.50 7.26
C TYR A 100 2.71 7.53 8.50
N LEU A 101 2.34 8.74 8.97
CA LEU A 101 1.50 8.88 10.15
C LEU A 101 0.03 8.65 9.83
N TYR A 102 -0.27 8.50 8.55
CA TYR A 102 -1.62 8.26 8.10
C TYR A 102 -2.58 9.39 8.49
N HIS A 103 -3.90 9.11 8.51
CA HIS A 103 -4.91 10.13 8.81
C HIS A 103 -4.97 11.16 7.68
N GLY A 104 -5.41 10.72 6.48
CA GLY A 104 -5.48 11.60 5.32
C GLY A 104 -5.83 10.87 4.03
N ARG A 105 -5.00 11.01 2.98
CA ARG A 105 -5.30 10.36 1.69
C ARG A 105 -4.63 8.98 1.47
N VAL A 106 -3.30 8.90 1.34
CA VAL A 106 -2.63 7.58 1.15
C VAL A 106 -2.72 6.78 2.43
N LYS A 107 -2.87 7.50 3.51
CA LYS A 107 -2.97 6.93 4.84
C LYS A 107 -3.84 5.68 4.86
N ALA A 108 -5.06 5.78 4.32
CA ALA A 108 -5.99 4.66 4.29
C ALA A 108 -5.31 3.36 3.87
N LEU A 109 -4.56 3.40 2.79
CA LEU A 109 -3.85 2.22 2.32
C LEU A 109 -2.95 1.69 3.42
N ALA A 110 -2.16 2.59 3.97
CA ALA A 110 -1.26 2.25 5.05
C ALA A 110 -2.03 1.91 6.31
N ASP A 111 -3.27 2.40 6.39
CA ASP A 111 -4.16 2.14 7.51
C ASP A 111 -4.53 0.66 7.50
N ALA A 112 -4.65 0.11 6.30
CA ALA A 112 -4.97 -1.30 6.14
C ALA A 112 -3.88 -2.14 6.77
N ALA A 113 -2.64 -1.92 6.31
CA ALA A 113 -1.50 -2.65 6.87
C ALA A 113 -1.19 -2.13 8.26
N ARG A 114 -1.57 -0.88 8.54
CA ARG A 114 -1.33 -0.28 9.83
C ARG A 114 -2.22 -0.90 10.90
N GLU A 115 -3.52 -0.73 10.70
CA GLU A 115 -4.51 -1.25 11.62
C GLU A 115 -4.34 -2.75 11.80
N ALA A 116 -4.04 -3.45 10.72
CA ALA A 116 -3.82 -4.88 10.76
C ALA A 116 -2.64 -5.20 11.67
N GLY A 117 -1.67 -4.29 11.67
CA GLY A 117 -0.47 -4.45 12.49
C GLY A 117 0.77 -4.25 11.66
N LEU A 118 1.03 -3.01 11.32
CA LEU A 118 2.16 -2.65 10.49
C LEU A 118 3.48 -2.79 11.23
N GLU A 119 4.22 -3.83 10.85
CA GLU A 119 5.51 -4.13 11.46
C GLU A 119 6.53 -4.52 10.39
N PHE A 120 7.53 -3.68 10.16
CA PHE A 120 8.57 -3.98 9.17
C PHE A 120 9.57 -2.84 9.04
#